data_5C4V
#
_entry.id   5C4V
#
_cell.length_a   213.540
_cell.length_b   122.830
_cell.length_c   51.570
_cell.angle_alpha   90.00
_cell.angle_beta   90.72
_cell.angle_gamma   90.00
#
_symmetry.space_group_name_H-M   'C 1 2 1'
#
loop_
_entity.id
_entity.type
_entity.pdbx_description
1 polymer 'Mothers against decapentaplegic homolog 4'
2 polymer 'Ski-like protein'
3 non-polymer GLYCEROL
4 non-polymer 'ZINC ION'
5 non-polymer 'NICKEL (II) ION'
6 water water
#
loop_
_entity_poly.entity_id
_entity_poly.type
_entity_poly.pdbx_seq_one_letter_code
_entity_poly.pdbx_strand_id
1 'polypeptide(L)'
;MHHHHHHSSGVDLGTENLYFQSISNHPAPEYWCSIAYFEMDVQVGETFKVPSSCPIVTVDGYVDPSGGDRFCLGQLSNVH
RTEAIERARLHIGKGVQLECKGEGDVWVRCLSDHAVFVQSYYLDREAGRAPGDAVHKIYPSAYIKVFDLRQCHRQMQQQA
ATAQAAAAAQAAAVAGNIPGPGSVGGIAPAISLSAAAGIGVDDLRRLCILRMSFVKGWGPDYPRQSIKETPCWIEIHLHR
ALQLLDEVLHTMPIADPQ
;
A,C,E
2 'polypeptide(L)'
;MTFPQNGSVLPAKSSLAQLKETGSAFEVEHECLGKCQGLFAPQFYVQPDAPCIQCLECCGMFAPQTFVMHSHRSPDKRTC
HWGFESAKWHCYLHVNQKYLGTPEEKKLKIILEEMKEKFSAHHHHHH
;
B,D,F
#
# COMPACT_ATOMS: atom_id res chain seq x y z
N ALA A 28 23.91 -3.30 -15.25
CA ALA A 28 23.34 -4.60 -14.83
C ALA A 28 21.86 -4.50 -14.40
N PRO A 29 21.52 -3.66 -13.38
CA PRO A 29 20.20 -3.77 -12.78
C PRO A 29 19.07 -3.36 -13.70
N GLU A 30 17.92 -3.96 -13.50
CA GLU A 30 16.79 -3.77 -14.37
C GLU A 30 16.23 -2.37 -14.19
N TYR A 31 16.16 -1.94 -12.93
CA TYR A 31 15.70 -0.59 -12.59
C TYR A 31 16.84 0.10 -11.82
N TRP A 32 17.05 1.37 -12.07
CA TRP A 32 18.20 2.03 -11.48
C TRP A 32 17.82 2.66 -10.16
N CYS A 33 16.53 2.91 -9.94
CA CYS A 33 16.04 3.15 -8.62
C CYS A 33 14.59 2.86 -8.56
N SER A 34 14.05 2.91 -7.35
CA SER A 34 12.62 2.78 -7.11
C SER A 34 12.20 3.73 -5.99
N ILE A 35 11.03 4.28 -6.15
CA ILE A 35 10.59 5.49 -5.45
C ILE A 35 9.21 5.22 -4.82
N ALA A 36 9.10 5.54 -3.52
CA ALA A 36 7.94 5.31 -2.73
C ALA A 36 7.50 6.64 -2.23
N TYR A 37 6.24 6.98 -2.42
CA TYR A 37 5.63 8.30 -2.07
C TYR A 37 4.86 8.18 -0.79
N PHE A 38 4.97 9.15 0.10
CA PHE A 38 4.27 9.07 1.36
C PHE A 38 3.61 10.39 1.65
N GLU A 39 2.55 10.33 2.43
CA GLU A 39 1.95 11.51 2.99
C GLU A 39 1.99 11.29 4.47
N MET A 40 2.91 11.95 5.18
CA MET A 40 3.15 11.77 6.61
C MET A 40 3.67 10.35 6.71
N ASP A 41 3.07 9.52 7.54
CA ASP A 41 3.58 8.17 7.78
C ASP A 41 2.81 7.08 7.06
N VAL A 42 2.14 7.41 5.98
CA VAL A 42 1.43 6.48 5.24
C VAL A 42 1.94 6.49 3.82
N GLN A 43 2.31 5.35 3.29
CA GLN A 43 2.69 5.25 1.91
C GLN A 43 1.44 5.42 1.11
N VAL A 44 1.52 6.25 0.07
CA VAL A 44 0.45 6.47 -0.87
C VAL A 44 0.84 6.05 -2.30
N GLY A 45 0.05 5.25 -2.97
CA GLY A 45 0.36 4.83 -4.30
C GLY A 45 1.23 3.62 -4.28
N GLU A 46 1.58 3.11 -5.46
CA GLU A 46 2.46 1.95 -5.48
CA GLU A 46 2.46 1.97 -5.53
C GLU A 46 3.90 2.50 -5.63
N THR A 47 4.87 1.69 -5.34
CA THR A 47 6.25 1.99 -5.54
C THR A 47 6.57 2.09 -7.04
N PHE A 48 7.12 3.24 -7.47
CA PHE A 48 7.48 3.51 -8.87
C PHE A 48 8.88 3.02 -9.16
N LYS A 49 9.01 2.04 -10.04
CA LYS A 49 10.30 1.53 -10.43
C LYS A 49 10.80 2.19 -11.69
N VAL A 50 12.09 2.58 -11.75
CA VAL A 50 12.60 3.36 -12.87
C VAL A 50 13.60 2.59 -13.74
N PRO A 51 13.21 2.23 -14.99
CA PRO A 51 14.06 1.41 -15.86
C PRO A 51 15.44 2.01 -16.10
N SER A 52 16.45 1.16 -16.20
CA SER A 52 17.83 1.57 -16.46
C SER A 52 18.03 2.40 -17.70
N SER A 53 17.11 2.27 -18.66
CA SER A 53 17.11 3.10 -19.89
C SER A 53 16.42 4.47 -19.75
N CYS A 54 15.99 4.81 -18.53
CA CYS A 54 15.40 6.11 -18.23
C CYS A 54 16.32 6.70 -17.19
N PRO A 55 17.47 7.21 -17.63
CA PRO A 55 18.38 7.80 -16.68
C PRO A 55 17.80 9.05 -15.96
N ILE A 56 16.78 9.71 -16.53
CA ILE A 56 16.22 10.95 -15.92
C ILE A 56 14.77 10.64 -15.66
N VAL A 57 14.36 10.81 -14.42
CA VAL A 57 12.99 10.54 -14.02
C VAL A 57 12.43 11.80 -13.36
N THR A 58 11.30 12.27 -13.86
CA THR A 58 10.57 13.43 -13.30
C THR A 58 9.49 12.93 -12.29
N VAL A 59 9.38 13.56 -11.11
CA VAL A 59 8.38 13.22 -10.10
C VAL A 59 7.63 14.53 -9.83
N ASP A 60 6.35 14.62 -10.19
CA ASP A 60 5.67 15.93 -10.13
C ASP A 60 4.26 15.85 -9.53
N GLY A 61 3.50 16.93 -9.63
CA GLY A 61 2.20 17.07 -9.04
C GLY A 61 1.03 16.92 -9.98
N TYR A 62 1.31 16.52 -11.23
CA TYR A 62 0.27 16.41 -12.28
C TYR A 62 -0.40 15.01 -12.25
N VAL A 63 -1.04 14.51 -13.33
CA VAL A 63 -1.90 13.40 -13.22
C VAL A 63 -1.73 12.27 -14.23
N ASP A 64 -0.75 12.29 -15.13
CA ASP A 64 -0.68 11.21 -16.17
C ASP A 64 -0.17 10.00 -15.43
N PRO A 65 -0.90 8.89 -15.50
CA PRO A 65 -0.51 7.67 -14.68
C PRO A 65 0.46 6.73 -15.36
N SER A 66 1.07 7.16 -16.46
CA SER A 66 1.70 6.26 -17.43
C SER A 66 2.64 5.24 -16.82
N GLY A 67 3.58 5.70 -16.03
CA GLY A 67 4.78 4.90 -15.77
C GLY A 67 5.97 5.48 -16.56
N GLY A 68 7.02 4.65 -16.74
CA GLY A 68 8.19 5.04 -17.55
C GLY A 68 9.08 6.07 -16.89
N ASP A 69 9.19 7.25 -17.50
CA ASP A 69 10.16 8.28 -17.07
C ASP A 69 9.51 9.42 -16.26
N ARG A 70 8.30 9.18 -15.77
CA ARG A 70 7.60 10.22 -15.04
C ARG A 70 6.65 9.59 -14.08
N PHE A 71 6.78 9.96 -12.82
CA PHE A 71 5.95 9.47 -11.72
C PHE A 71 5.09 10.64 -11.21
N CYS A 72 3.83 10.70 -11.62
CA CYS A 72 2.96 11.77 -11.20
C CYS A 72 2.26 11.39 -9.93
N LEU A 73 2.03 12.37 -9.09
CA LEU A 73 1.44 12.20 -7.76
C LEU A 73 0.10 12.90 -7.63
N GLY A 74 -0.34 13.64 -8.66
CA GLY A 74 -1.54 14.50 -8.55
C GLY A 74 -2.81 13.71 -8.41
N GLN A 75 -2.79 12.58 -9.07
CA GLN A 75 -3.91 11.68 -9.19
C GLN A 75 -4.10 10.68 -8.05
N LEU A 76 -3.09 10.53 -7.22
CA LEU A 76 -3.16 9.49 -6.25
C LEU A 76 -4.19 9.81 -5.18
N SER A 77 -4.89 8.76 -4.76
CA SER A 77 -5.90 8.80 -3.66
C SER A 77 -5.26 8.45 -2.31
N ASN A 78 -5.88 8.94 -1.23
CA ASN A 78 -5.52 8.57 0.09
C ASN A 78 -6.67 8.81 0.98
N VAL A 79 -7.26 7.72 1.51
CA VAL A 79 -8.45 7.83 2.37
C VAL A 79 -8.22 8.76 3.58
N HIS A 80 -6.98 8.87 4.08
CA HIS A 80 -6.63 9.60 5.32
C HIS A 80 -6.05 10.95 5.05
N ARG A 81 -6.20 11.41 3.82
CA ARG A 81 -5.73 12.71 3.48
C ARG A 81 -6.42 13.83 4.27
N THR A 82 -5.70 14.92 4.50
CA THR A 82 -6.21 16.08 5.27
C THR A 82 -6.13 17.30 4.42
N GLU A 83 -6.81 18.33 4.87
CA GLU A 83 -6.77 19.68 4.31
C GLU A 83 -5.31 20.14 4.09
N ALA A 84 -4.48 19.96 5.13
CA ALA A 84 -3.07 20.40 5.11
C ALA A 84 -2.24 19.71 4.02
N ILE A 85 -2.40 18.39 3.90
CA ILE A 85 -1.74 17.60 2.86
C ILE A 85 -2.22 18.03 1.48
N GLU A 86 -3.51 18.33 1.37
CA GLU A 86 -4.06 18.83 0.10
C GLU A 86 -3.40 20.14 -0.24
N ARG A 87 -3.40 21.10 0.71
CA ARG A 87 -2.76 22.38 0.55
C ARG A 87 -1.36 22.21 -0.03
N ALA A 88 -0.54 21.42 0.65
CA ALA A 88 0.83 21.21 0.26
C ALA A 88 0.98 20.65 -1.12
N ARG A 89 0.23 19.61 -1.44
CA ARG A 89 0.27 19.02 -2.77
C ARG A 89 0.15 20.04 -3.91
N LEU A 90 -0.51 21.17 -3.67
CA LEU A 90 -0.61 22.20 -4.70
C LEU A 90 0.71 22.82 -5.11
N HIS A 91 1.64 22.91 -4.15
CA HIS A 91 2.97 23.49 -4.40
C HIS A 91 3.94 22.52 -5.02
N ILE A 92 3.60 21.26 -5.18
CA ILE A 92 4.60 20.27 -5.76
C ILE A 92 4.86 20.71 -7.17
N GLY A 93 3.79 21.02 -7.90
CA GLY A 93 3.96 21.58 -9.19
C GLY A 93 4.85 20.68 -10.06
N LYS A 94 5.91 21.28 -10.64
CA LYS A 94 6.65 20.55 -11.65
C LYS A 94 7.58 19.59 -11.01
N GLY A 95 7.63 19.65 -9.68
CA GLY A 95 8.36 18.68 -8.90
C GLY A 95 9.83 18.71 -9.17
N VAL A 96 10.44 17.53 -9.28
CA VAL A 96 11.85 17.39 -9.47
C VAL A 96 12.26 16.30 -10.52
N GLN A 97 13.45 16.44 -11.06
CA GLN A 97 14.12 15.41 -11.80
C GLN A 97 15.21 14.80 -10.97
N LEU A 98 15.38 13.50 -11.14
CA LEU A 98 16.41 12.79 -10.50
C LEU A 98 17.16 12.16 -11.66
N GLU A 99 18.44 12.48 -11.76
CA GLU A 99 19.21 12.07 -12.88
C GLU A 99 20.35 11.17 -12.46
N CYS A 100 20.49 10.07 -13.16
CA CYS A 100 21.57 9.11 -12.88
C CYS A 100 22.63 9.42 -13.93
N LYS A 101 23.76 9.92 -13.46
CA LYS A 101 24.85 10.34 -14.35
C LYS A 101 25.89 9.26 -14.45
N GLY A 102 26.23 8.89 -15.70
CA GLY A 102 27.34 8.00 -16.06
C GLY A 102 27.56 6.82 -15.15
N GLU A 103 28.61 6.91 -14.32
CA GLU A 103 28.98 5.92 -13.32
C GLU A 103 28.12 6.04 -12.04
N GLY A 104 26.80 6.07 -12.21
CA GLY A 104 25.82 5.90 -11.08
C GLY A 104 25.65 7.04 -10.06
N ASP A 105 26.21 8.21 -10.37
CA ASP A 105 26.07 9.37 -9.52
C ASP A 105 24.69 9.92 -9.67
N VAL A 106 24.11 10.51 -8.62
CA VAL A 106 22.67 10.95 -8.72
C VAL A 106 22.61 12.40 -8.43
N TRP A 107 22.00 13.12 -9.36
CA TRP A 107 21.78 14.59 -9.26
C TRP A 107 20.30 14.86 -9.10
N VAL A 108 19.96 15.99 -8.48
CA VAL A 108 18.56 16.38 -8.41
C VAL A 108 18.45 17.71 -9.09
N ARG A 109 17.41 17.94 -9.85
CA ARG A 109 17.10 19.30 -10.35
C ARG A 109 15.68 19.72 -9.89
N CYS A 110 15.54 20.87 -9.20
CA CYS A 110 14.29 21.23 -8.58
C CYS A 110 13.58 22.10 -9.59
N LEU A 111 12.79 21.47 -10.45
CA LEU A 111 11.89 22.19 -11.37
C LEU A 111 10.78 22.95 -10.70
N SER A 112 10.37 22.55 -9.52
CA SER A 112 9.23 23.21 -8.80
C SER A 112 9.58 24.66 -8.45
N ASP A 113 8.57 25.46 -8.14
CA ASP A 113 8.80 26.86 -7.72
C ASP A 113 8.88 26.98 -6.19
N HIS A 114 8.80 25.84 -5.51
CA HIS A 114 9.07 25.75 -4.08
C HIS A 114 10.26 24.85 -3.94
N ALA A 115 11.04 25.12 -2.92
CA ALA A 115 12.22 24.33 -2.60
C ALA A 115 11.88 23.00 -2.06
N VAL A 116 12.85 22.13 -2.11
CA VAL A 116 12.66 20.74 -1.72
C VAL A 116 13.67 20.47 -0.63
N PHE A 117 13.52 19.47 0.16
CA PHE A 117 14.44 19.22 1.26
C PHE A 117 14.92 17.83 1.18
N VAL A 118 16.18 17.60 1.44
CA VAL A 118 16.81 16.32 1.13
C VAL A 118 17.62 15.78 2.25
N GLN A 119 17.62 14.45 2.40
CA GLN A 119 18.53 13.74 3.30
C GLN A 119 19.58 13.08 2.37
N SER A 120 20.85 13.46 2.49
CA SER A 120 21.94 12.86 1.66
C SER A 120 23.18 12.90 2.43
N TYR A 121 23.81 11.73 2.57
CA TYR A 121 25.01 11.58 3.38
C TYR A 121 26.16 12.28 2.70
N TYR A 122 26.11 12.24 1.39
CA TYR A 122 27.05 12.99 0.56
C TYR A 122 26.95 14.44 0.90
N LEU A 123 25.80 15.04 0.91
CA LEU A 123 25.68 16.48 1.26
C LEU A 123 26.07 16.67 2.71
N ASP A 124 25.83 15.68 3.56
CA ASP A 124 26.29 15.82 4.94
C ASP A 124 27.80 15.96 5.00
N ARG A 125 28.46 15.11 4.23
CA ARG A 125 29.88 15.14 4.11
C ARG A 125 30.43 16.37 3.51
N GLU A 126 29.89 16.77 2.34
CA GLU A 126 30.37 17.97 1.59
C GLU A 126 30.35 19.20 2.44
N ALA A 127 29.40 19.29 3.36
CA ALA A 127 29.26 20.49 4.16
C ALA A 127 29.91 20.38 5.52
N GLY A 128 30.54 19.25 5.81
CA GLY A 128 31.18 19.05 7.09
C GLY A 128 30.28 18.79 8.29
N ARG A 129 29.19 18.08 8.06
CA ARG A 129 28.19 17.82 9.11
C ARG A 129 28.27 16.41 9.39
N ALA A 130 27.87 16.05 10.59
CA ALA A 130 27.81 14.65 10.95
C ALA A 130 26.76 13.95 10.10
N PRO A 131 26.99 12.68 9.70
CA PRO A 131 25.93 11.92 9.02
C PRO A 131 24.51 11.99 9.66
N GLY A 132 23.54 12.38 8.82
CA GLY A 132 22.12 12.43 9.21
C GLY A 132 21.78 13.58 10.14
N ASP A 133 22.71 14.51 10.30
CA ASP A 133 22.61 15.55 11.30
C ASP A 133 22.44 16.90 10.65
N ALA A 134 21.85 16.88 9.46
CA ALA A 134 21.48 18.05 8.67
C ALA A 134 20.35 17.68 7.69
N VAL A 135 19.62 18.69 7.26
CA VAL A 135 18.71 18.62 6.13
C VAL A 135 19.20 19.60 5.05
N HIS A 136 19.08 19.23 3.77
CA HIS A 136 19.65 20.01 2.68
C HIS A 136 18.57 20.57 1.79
N LYS A 137 18.31 21.87 1.93
CA LYS A 137 17.32 22.61 1.13
C LYS A 137 17.91 22.89 -0.22
N ILE A 138 17.17 22.50 -1.25
CA ILE A 138 17.57 22.77 -2.60
C ILE A 138 16.60 23.74 -3.20
N TYR A 139 17.12 24.77 -3.82
CA TYR A 139 16.30 25.93 -4.19
C TYR A 139 15.80 25.80 -5.61
N PRO A 140 14.66 26.41 -5.88
CA PRO A 140 14.13 26.34 -7.24
C PRO A 140 15.13 26.57 -8.36
N SER A 141 15.07 25.75 -9.40
CA SER A 141 15.95 25.85 -10.62
C SER A 141 17.31 25.24 -10.38
N ALA A 142 17.64 24.93 -9.13
CA ALA A 142 18.96 24.42 -8.78
C ALA A 142 19.22 23.03 -9.31
N TYR A 143 20.49 22.68 -9.53
CA TYR A 143 20.88 21.39 -10.06
C TYR A 143 22.06 20.86 -9.26
N ILE A 144 21.79 19.99 -8.28
CA ILE A 144 22.71 19.65 -7.24
C ILE A 144 22.99 18.18 -7.20
N LYS A 145 24.21 17.79 -6.85
CA LYS A 145 24.62 16.42 -6.88
C LYS A 145 24.45 15.86 -5.52
N VAL A 146 23.76 14.72 -5.41
CA VAL A 146 23.28 14.26 -4.09
C VAL A 146 23.75 12.88 -3.73
N PHE A 147 24.51 12.25 -4.62
CA PHE A 147 25.06 10.95 -4.34
C PHE A 147 26.25 10.61 -5.29
N ASP A 148 27.28 10.02 -4.74
CA ASP A 148 28.43 9.55 -5.55
C ASP A 148 28.65 8.07 -5.35
N LEU A 149 28.60 7.32 -6.45
CA LEU A 149 28.60 5.88 -6.32
C LEU A 149 29.87 5.39 -5.78
N ARG A 150 31.01 5.90 -6.31
CA ARG A 150 32.36 5.48 -5.88
C ARG A 150 32.65 5.75 -4.40
N GLN A 151 32.31 6.93 -3.93
CA GLN A 151 32.41 7.26 -2.51
C GLN A 151 31.61 6.38 -1.64
N CYS A 152 30.39 6.08 -2.06
CA CYS A 152 29.48 5.18 -1.30
C CYS A 152 30.13 3.83 -1.21
N HIS A 153 30.55 3.32 -2.36
CA HIS A 153 31.26 2.03 -2.41
C HIS A 153 32.52 1.95 -1.54
N ARG A 154 33.29 3.06 -1.48
CA ARG A 154 34.51 3.12 -0.67
C ARG A 154 34.16 3.10 0.77
N GLN A 155 33.26 4.00 1.19
CA GLN A 155 32.82 4.03 2.59
C GLN A 155 32.33 2.66 3.04
N MET A 156 31.67 2.00 2.11
CA MET A 156 31.04 0.68 2.30
C MET A 156 32.10 -0.34 2.55
N GLN A 157 32.97 -0.53 1.56
CA GLN A 157 34.13 -1.50 1.70
C GLN A 157 34.96 -1.26 2.93
N GLN A 158 35.21 0.01 3.20
CA GLN A 158 36.07 0.32 4.27
C GLN A 158 35.51 0.07 5.67
N GLN A 159 34.33 0.57 5.97
CA GLN A 159 33.70 0.29 7.25
C GLN A 159 33.53 -1.20 7.48
N ALA A 160 33.20 -1.94 6.42
CA ALA A 160 32.99 -3.41 6.59
C ALA A 160 34.29 -4.10 6.87
N ALA A 161 35.29 -3.86 6.03
CA ALA A 161 36.62 -4.45 6.21
C ALA A 161 37.24 -4.14 7.58
N THR A 162 36.93 -3.00 8.16
CA THR A 162 37.51 -2.61 9.44
C THR A 162 36.79 -3.28 10.56
N ALA A 163 35.47 -3.22 10.58
CA ALA A 163 34.70 -3.84 11.65
C ALA A 163 34.95 -5.34 11.70
N GLN A 164 35.15 -5.93 10.54
CA GLN A 164 35.52 -7.34 10.45
C GLN A 164 36.87 -7.57 11.08
N ALA A 165 37.88 -6.83 10.64
CA ALA A 165 39.25 -7.07 11.07
C ALA A 165 39.46 -6.64 12.53
N ALA A 166 38.70 -5.67 13.01
CA ALA A 166 38.71 -5.35 14.46
C ALA A 166 38.34 -6.53 15.36
N ALA A 167 37.30 -7.26 14.99
CA ALA A 167 36.93 -8.52 15.69
C ALA A 167 38.05 -9.57 15.62
N ALA A 168 38.68 -9.76 14.46
CA ALA A 168 39.73 -10.77 14.24
C ALA A 168 41.17 -10.19 14.47
N GLY A 200 27.25 -1.06 10.36
CA GLY A 200 25.90 -0.55 10.26
C GLY A 200 25.01 -1.05 9.14
N VAL A 201 24.72 -2.36 9.18
CA VAL A 201 24.04 -3.08 8.05
C VAL A 201 22.79 -2.29 7.75
N ASP A 202 22.04 -2.03 8.80
CA ASP A 202 20.98 -1.09 8.71
C ASP A 202 21.61 0.28 8.46
N ASP A 203 22.83 0.48 8.92
CA ASP A 203 23.49 1.76 8.66
C ASP A 203 24.07 1.81 7.29
N LEU A 204 24.72 0.75 6.82
CA LEU A 204 25.35 0.78 5.49
C LEU A 204 24.24 0.97 4.47
N ARG A 205 23.14 0.27 4.69
CA ARG A 205 21.93 0.34 3.85
C ARG A 205 21.54 1.75 3.56
N ARG A 206 21.57 2.60 4.58
CA ARG A 206 21.18 4.01 4.48
C ARG A 206 22.08 4.85 3.62
N LEU A 207 23.29 4.36 3.34
CA LEU A 207 24.12 5.02 2.33
C LEU A 207 23.50 4.93 0.95
N CYS A 208 22.70 3.91 0.67
CA CYS A 208 22.16 3.68 -0.69
C CYS A 208 20.75 4.19 -0.85
N ILE A 209 20.35 5.18 -0.04
CA ILE A 209 18.97 5.66 -0.03
C ILE A 209 18.90 7.14 0.20
N LEU A 210 18.06 7.85 -0.59
CA LEU A 210 17.84 9.29 -0.40
C LEU A 210 16.35 9.48 -0.04
N ARG A 211 16.05 10.54 0.70
CA ARG A 211 14.68 10.88 1.01
C ARG A 211 14.58 12.35 0.83
N MET A 212 13.43 12.80 0.36
CA MET A 212 13.21 14.14 -0.04
C MET A 212 11.76 14.58 0.22
N SER A 213 11.58 15.77 0.75
CA SER A 213 10.31 16.29 1.04
C SER A 213 10.06 17.47 0.11
N PHE A 214 8.99 17.47 -0.65
CA PHE A 214 8.57 18.66 -1.42
C PHE A 214 7.98 19.65 -0.46
N VAL A 215 8.13 20.91 -0.73
CA VAL A 215 7.44 21.93 0.09
C VAL A 215 7.94 22.22 1.52
N LYS A 216 7.96 21.24 2.42
CA LYS A 216 8.28 21.50 3.86
C LYS A 216 9.49 20.72 4.42
N GLY A 217 10.25 21.39 5.27
CA GLY A 217 11.46 20.82 5.85
C GLY A 217 11.14 20.36 7.26
N TRP A 218 12.03 19.58 7.80
CA TRP A 218 11.86 19.02 9.08
C TRP A 218 13.06 19.24 9.94
N GLY A 219 12.89 20.03 10.97
CA GLY A 219 13.97 20.37 11.85
C GLY A 219 13.71 20.54 13.31
N PRO A 220 14.87 20.45 14.05
CA PRO A 220 14.69 20.62 15.49
C PRO A 220 14.09 21.93 16.09
N ASP A 221 14.16 23.19 15.60
CA ASP A 221 14.73 23.75 14.38
C ASP A 221 13.67 23.91 13.31
N TYR A 222 12.56 23.17 13.48
CA TYR A 222 11.41 23.22 12.58
C TYR A 222 10.28 22.71 13.37
N PRO A 223 9.04 23.03 12.87
CA PRO A 223 7.92 22.54 13.64
C PRO A 223 7.80 21.05 13.71
N ARG A 224 8.30 20.40 12.72
CA ARG A 224 8.19 18.98 12.61
C ARG A 224 9.58 18.41 12.74
N GLN A 225 9.69 17.30 13.44
CA GLN A 225 10.97 16.76 13.78
C GLN A 225 11.52 15.74 12.80
N SER A 226 10.63 14.95 12.19
CA SER A 226 11.08 13.90 11.24
C SER A 226 10.35 14.05 9.92
N ILE A 227 10.81 13.33 8.92
CA ILE A 227 10.26 13.44 7.58
C ILE A 227 8.85 12.83 7.43
N LYS A 228 8.56 11.85 8.25
CA LYS A 228 7.26 11.26 8.32
C LYS A 228 6.19 12.15 8.95
N GLU A 229 6.57 13.34 9.37
CA GLU A 229 5.65 14.36 9.77
C GLU A 229 5.43 15.38 8.70
N THR A 230 6.04 15.18 7.54
CA THR A 230 5.86 16.16 6.47
C THR A 230 4.70 15.72 5.58
N PRO A 231 4.01 16.68 4.96
CA PRO A 231 2.82 16.29 4.29
C PRO A 231 3.04 15.55 2.97
N CYS A 232 4.20 15.67 2.29
CA CYS A 232 4.40 14.85 1.11
C CYS A 232 5.83 14.73 0.68
N TRP A 233 6.37 13.53 0.84
CA TRP A 233 7.75 13.23 0.62
C TRP A 233 7.94 11.89 -0.10
N ILE A 234 9.19 11.55 -0.47
CA ILE A 234 9.47 10.31 -1.17
C ILE A 234 10.75 9.66 -0.63
N GLU A 235 10.84 8.30 -0.66
CA GLU A 235 12.08 7.57 -0.36
C GLU A 235 12.53 6.81 -1.62
N ILE A 236 13.81 6.88 -1.92
CA ILE A 236 14.40 6.50 -3.21
C ILE A 236 15.55 5.52 -2.93
N HIS A 237 15.39 4.27 -3.35
CA HIS A 237 16.38 3.24 -3.14
C HIS A 237 17.17 3.09 -4.40
N LEU A 238 18.48 3.25 -4.30
CA LEU A 238 19.38 3.25 -5.49
C LEU A 238 19.92 1.88 -5.64
N HIS A 239 19.72 1.24 -6.77
CA HIS A 239 19.83 -0.26 -6.90
C HIS A 239 21.23 -0.71 -7.13
N ARG A 240 22.02 0.06 -7.88
CA ARG A 240 23.44 -0.33 -8.05
C ARG A 240 24.14 -0.30 -6.72
N ALA A 241 23.88 0.74 -5.93
CA ALA A 241 24.49 0.85 -4.58
C ALA A 241 24.15 -0.32 -3.73
N LEU A 242 22.88 -0.71 -3.81
CA LEU A 242 22.37 -1.87 -3.05
C LEU A 242 22.92 -3.19 -3.52
N GLN A 243 23.13 -3.36 -4.84
CA GLN A 243 23.84 -4.57 -5.32
C GLN A 243 25.26 -4.60 -4.74
N LEU A 244 25.95 -3.46 -4.80
CA LEU A 244 27.35 -3.43 -4.33
C LEU A 244 27.38 -3.78 -2.84
N LEU A 245 26.53 -3.16 -2.02
CA LEU A 245 26.52 -3.53 -0.59
C LEU A 245 26.17 -5.02 -0.40
N ASP A 246 25.31 -5.58 -1.24
CA ASP A 246 25.01 -7.03 -1.13
C ASP A 246 26.28 -7.84 -1.32
N GLU A 247 27.08 -7.48 -2.32
CA GLU A 247 28.35 -8.19 -2.52
C GLU A 247 29.25 -8.00 -1.32
N VAL A 248 29.35 -6.77 -0.86
CA VAL A 248 30.18 -6.51 0.31
C VAL A 248 29.74 -7.35 1.50
N LEU A 249 28.45 -7.51 1.73
CA LEU A 249 28.01 -8.23 2.92
C LEU A 249 28.26 -9.74 2.81
N HIS A 250 28.56 -10.22 1.60
CA HIS A 250 28.97 -11.63 1.42
C HIS A 250 30.47 -11.78 1.34
N ALA B 28 1.35 -24.06 -16.13
CA ALA B 28 0.45 -23.01 -16.64
C ALA B 28 0.79 -21.62 -16.04
N PRO B 29 0.81 -21.48 -14.68
CA PRO B 29 0.68 -20.09 -14.14
C PRO B 29 1.97 -19.32 -14.38
N GLU B 30 1.85 -18.00 -14.50
CA GLU B 30 2.97 -17.14 -14.79
C GLU B 30 3.95 -17.10 -13.61
N TYR B 31 3.40 -17.00 -12.40
CA TYR B 31 4.19 -17.06 -11.18
C TYR B 31 3.73 -18.27 -10.37
N TRP B 32 4.66 -18.96 -9.74
CA TRP B 32 4.29 -20.17 -9.00
C TRP B 32 3.93 -19.87 -7.56
N CYS B 33 4.37 -18.73 -7.05
CA CYS B 33 3.78 -18.17 -5.83
C CYS B 33 4.05 -16.71 -5.78
N SER B 34 3.43 -16.06 -4.82
CA SER B 34 3.71 -14.68 -4.47
C SER B 34 3.76 -14.50 -2.93
N ILE B 35 4.68 -13.63 -2.49
CA ILE B 35 5.08 -13.53 -1.12
C ILE B 35 4.94 -12.10 -0.64
N ALA B 36 4.32 -11.97 0.53
CA ALA B 36 4.08 -10.73 1.19
C ALA B 36 4.76 -10.78 2.52
N TYR B 37 5.58 -9.76 2.82
CA TYR B 37 6.35 -9.61 4.04
C TYR B 37 5.66 -8.65 5.01
N PHE B 38 5.63 -9.00 6.27
CA PHE B 38 5.01 -8.18 7.27
C PHE B 38 5.87 -7.98 8.45
N GLU B 39 5.65 -6.89 9.16
CA GLU B 39 6.32 -6.61 10.38
C GLU B 39 5.19 -6.32 11.30
N MET B 40 4.85 -7.31 12.08
CA MET B 40 3.71 -7.25 12.95
C MET B 40 2.50 -7.23 12.05
N ASP B 41 1.58 -6.31 12.24
CA ASP B 41 0.34 -6.18 11.49
C ASP B 41 0.42 -5.25 10.31
N VAL B 42 1.62 -4.98 9.88
CA VAL B 42 1.85 -4.09 8.79
C VAL B 42 2.58 -4.73 7.64
N GLN B 43 2.00 -4.73 6.45
CA GLN B 43 2.76 -5.24 5.34
C GLN B 43 3.83 -4.29 4.96
N VAL B 44 5.05 -4.82 4.73
CA VAL B 44 6.24 -3.99 4.45
C VAL B 44 6.82 -4.36 3.09
N GLY B 45 7.06 -3.39 2.21
CA GLY B 45 7.55 -3.64 0.87
C GLY B 45 6.39 -3.96 -0.08
N GLU B 46 6.72 -4.32 -1.32
CA GLU B 46 5.67 -4.72 -2.22
C GLU B 46 5.68 -6.27 -2.23
N THR B 47 4.59 -6.85 -2.71
CA THR B 47 4.43 -8.26 -2.83
C THR B 47 5.39 -8.80 -3.88
N PHE B 48 6.20 -9.78 -3.49
CA PHE B 48 7.16 -10.43 -4.40
C PHE B 48 6.49 -11.56 -5.12
N LYS B 49 6.42 -11.46 -6.44
CA LYS B 49 5.96 -12.55 -7.28
C LYS B 49 7.09 -13.40 -7.82
N VAL B 50 6.95 -14.71 -7.81
CA VAL B 50 8.04 -15.66 -8.20
C VAL B 50 7.78 -16.40 -9.52
N PRO B 51 8.53 -16.08 -10.58
CA PRO B 51 8.28 -16.68 -11.92
C PRO B 51 8.35 -18.20 -11.94
N SER B 52 7.50 -18.84 -12.73
CA SER B 52 7.47 -20.32 -12.83
C SER B 52 8.79 -20.96 -13.22
N SER B 53 9.68 -20.22 -13.85
CA SER B 53 11.01 -20.68 -14.22
C SER B 53 12.04 -20.53 -13.12
N CYS B 54 11.60 -20.05 -11.93
CA CYS B 54 12.43 -19.98 -10.73
C CYS B 54 11.79 -20.88 -9.73
N PRO B 55 12.00 -22.20 -9.87
CA PRO B 55 11.40 -23.15 -8.93
C PRO B 55 11.94 -23.02 -7.48
N ILE B 56 13.10 -22.40 -7.29
CA ILE B 56 13.68 -22.18 -5.93
C ILE B 56 13.80 -20.69 -5.74
N VAL B 57 13.21 -20.18 -4.67
CA VAL B 57 13.28 -18.78 -4.33
C VAL B 57 13.85 -18.67 -2.92
N THR B 58 14.94 -17.88 -2.80
CA THR B 58 15.52 -17.52 -1.49
C THR B 58 14.86 -16.23 -0.94
N VAL B 59 14.52 -16.18 0.34
CA VAL B 59 14.01 -14.99 1.05
C VAL B 59 14.94 -14.74 2.25
N ASP B 60 15.69 -13.66 2.27
CA ASP B 60 16.79 -13.50 3.24
C ASP B 60 16.85 -12.11 3.77
N GLY B 61 17.88 -11.84 4.57
CA GLY B 61 18.00 -10.58 5.35
C GLY B 61 18.96 -9.57 4.75
N TYR B 62 19.48 -9.90 3.56
CA TYR B 62 20.44 -9.05 2.84
C TYR B 62 19.72 -7.96 2.01
N VAL B 63 20.36 -7.35 1.01
CA VAL B 63 19.86 -6.06 0.49
C VAL B 63 19.77 -5.88 -1.00
N ASP B 64 20.03 -6.91 -1.81
CA ASP B 64 20.00 -6.73 -3.27
C ASP B 64 18.52 -6.64 -3.67
N PRO B 65 18.09 -5.55 -4.32
CA PRO B 65 16.68 -5.32 -4.63
C PRO B 65 16.18 -5.94 -5.93
N SER B 66 16.97 -6.84 -6.53
CA SER B 66 16.84 -7.24 -7.90
C SER B 66 15.47 -7.67 -8.24
N GLY B 67 14.91 -8.62 -7.51
CA GLY B 67 13.78 -9.41 -8.08
C GLY B 67 14.25 -10.82 -8.45
N GLY B 68 13.47 -11.51 -9.26
CA GLY B 68 13.86 -12.83 -9.75
C GLY B 68 13.75 -13.97 -8.76
N ASP B 69 14.88 -14.62 -8.46
CA ASP B 69 14.94 -15.81 -7.62
C ASP B 69 15.40 -15.52 -6.19
N ARG B 70 15.34 -14.26 -5.78
CA ARG B 70 15.71 -13.89 -4.40
C ARG B 70 14.97 -12.62 -3.98
N PHE B 71 14.31 -12.69 -2.82
CA PHE B 71 13.51 -11.58 -2.24
C PHE B 71 14.23 -11.16 -0.97
N CYS B 72 14.95 -10.05 -1.01
CA CYS B 72 15.69 -9.60 0.11
C CYS B 72 14.83 -8.67 0.90
N LEU B 73 14.96 -8.74 2.21
CA LEU B 73 14.21 -7.92 3.12
C LEU B 73 15.05 -6.90 3.83
N GLY B 74 16.37 -6.96 3.67
CA GLY B 74 17.28 -6.17 4.55
C GLY B 74 17.12 -4.67 4.30
N GLN B 75 16.85 -4.33 3.05
CA GLN B 75 16.76 -2.95 2.65
C GLN B 75 15.39 -2.28 2.94
N LEU B 76 14.35 -3.05 3.20
CA LEU B 76 13.07 -2.51 3.26
C LEU B 76 12.88 -1.55 4.43
N SER B 77 12.20 -0.46 4.16
CA SER B 77 11.90 0.57 5.17
C SER B 77 10.54 0.35 5.78
N ASN B 78 10.34 0.90 6.96
CA ASN B 78 9.04 0.91 7.58
C ASN B 78 8.99 2.02 8.59
N VAL B 79 8.16 3.01 8.32
CA VAL B 79 8.05 4.16 9.22
C VAL B 79 7.71 3.78 10.67
N HIS B 80 7.00 2.67 10.86
CA HIS B 80 6.54 2.20 12.22
C HIS B 80 7.43 1.18 12.90
N ARG B 81 8.61 1.00 12.37
CA ARG B 81 9.52 0.01 12.90
C ARG B 81 9.99 0.35 14.31
N THR B 82 10.30 -0.69 15.09
CA THR B 82 10.72 -0.53 16.49
C THR B 82 12.07 -1.18 16.66
N GLU B 83 12.67 -0.86 17.78
CA GLU B 83 13.86 -1.52 18.29
C GLU B 83 13.78 -3.07 18.23
N ALA B 84 12.66 -3.62 18.73
CA ALA B 84 12.42 -5.05 18.79
C ALA B 84 12.43 -5.68 17.39
N ILE B 85 11.72 -5.04 16.43
CA ILE B 85 11.71 -5.53 15.04
C ILE B 85 13.09 -5.46 14.42
N GLU B 86 13.84 -4.39 14.76
CA GLU B 86 15.20 -4.22 14.26
C GLU B 86 16.03 -5.33 14.77
N ARG B 87 15.96 -5.56 16.09
CA ARG B 87 16.66 -6.68 16.72
C ARG B 87 16.45 -7.99 15.96
N ALA B 88 15.16 -8.36 15.81
CA ALA B 88 14.79 -9.59 15.16
C ALA B 88 15.30 -9.70 13.73
N ARG B 89 15.17 -8.64 12.93
CA ARG B 89 15.68 -8.65 11.55
C ARG B 89 17.14 -9.07 11.43
N LEU B 90 17.94 -8.86 12.47
CA LEU B 90 19.33 -9.32 12.43
C LEU B 90 19.50 -10.81 12.33
N HIS B 91 18.56 -11.52 12.91
CA HIS B 91 18.63 -12.97 12.94
C HIS B 91 18.07 -13.62 11.71
N ILE B 92 17.49 -12.88 10.81
CA ILE B 92 16.96 -13.51 9.61
C ILE B 92 18.14 -14.12 8.83
N GLY B 93 19.17 -13.35 8.60
CA GLY B 93 20.36 -13.89 7.99
C GLY B 93 20.16 -14.47 6.62
N LYS B 94 20.58 -15.72 6.42
CA LYS B 94 20.52 -16.34 5.10
C LYS B 94 19.09 -16.78 4.82
N GLY B 95 18.21 -16.61 5.81
CA GLY B 95 16.76 -16.81 5.59
C GLY B 95 16.39 -18.21 5.22
N VAL B 96 15.50 -18.34 4.24
CA VAL B 96 15.03 -19.65 3.76
C VAL B 96 14.98 -19.74 2.22
N GLN B 97 15.05 -20.96 1.71
CA GLN B 97 14.57 -21.31 0.39
C GLN B 97 13.18 -21.92 0.44
N LEU B 98 12.38 -21.64 -0.60
CA LEU B 98 11.12 -22.27 -0.81
C LEU B 98 11.22 -22.89 -2.17
N GLU B 99 11.03 -24.20 -2.22
CA GLU B 99 11.26 -24.94 -3.45
C GLU B 99 9.95 -25.58 -3.95
N CYS B 100 9.65 -25.38 -5.24
CA CYS B 100 8.47 -25.99 -5.89
C CYS B 100 8.90 -27.23 -6.66
N LYS B 101 8.52 -28.39 -6.13
CA LYS B 101 9.07 -29.65 -6.60
C LYS B 101 8.09 -30.23 -7.56
N GLY B 102 8.59 -30.55 -8.76
CA GLY B 102 7.89 -31.26 -9.81
C GLY B 102 6.44 -30.87 -9.86
N GLU B 103 5.61 -31.72 -9.22
CA GLU B 103 4.12 -31.65 -9.22
C GLU B 103 3.57 -30.68 -8.18
N GLY B 104 4.14 -29.47 -8.12
CA GLY B 104 3.60 -28.40 -7.27
C GLY B 104 3.73 -28.58 -5.77
N ASP B 105 4.51 -29.55 -5.32
CA ASP B 105 4.76 -29.73 -3.91
C ASP B 105 5.75 -28.66 -3.46
N VAL B 106 5.63 -28.20 -2.21
CA VAL B 106 6.50 -27.12 -1.74
C VAL B 106 7.31 -27.58 -0.55
N TRP B 107 8.63 -27.37 -0.65
CA TRP B 107 9.60 -27.68 0.41
C TRP B 107 10.23 -26.41 0.93
N VAL B 108 10.63 -26.41 2.18
CA VAL B 108 11.32 -25.30 2.75
C VAL B 108 12.69 -25.80 3.16
N ARG B 109 13.74 -25.00 2.93
CA ARG B 109 15.05 -25.25 3.55
C ARG B 109 15.47 -24.06 4.39
N CYS B 110 15.81 -24.27 5.67
CA CYS B 110 16.09 -23.17 6.60
C CYS B 110 17.56 -22.91 6.61
N LEU B 111 18.02 -22.10 5.66
CA LEU B 111 19.44 -21.68 5.57
C LEU B 111 19.90 -20.78 6.71
N SER B 112 18.97 -20.10 7.39
CA SER B 112 19.32 -19.24 8.56
C SER B 112 19.92 -20.04 9.73
N ASP B 113 20.55 -19.34 10.68
CA ASP B 113 21.06 -19.96 11.93
C ASP B 113 20.03 -19.89 13.02
N HIS B 114 18.87 -19.32 12.75
CA HIS B 114 17.74 -19.35 13.69
C HIS B 114 16.63 -20.09 12.99
N ALA B 115 15.84 -20.77 13.81
CA ALA B 115 14.74 -21.56 13.31
C ALA B 115 13.63 -20.67 12.83
N VAL B 116 12.73 -21.26 12.04
CA VAL B 116 11.57 -20.54 11.52
C VAL B 116 10.35 -21.24 12.00
N PHE B 117 9.23 -20.59 11.93
CA PHE B 117 7.98 -21.18 12.40
C PHE B 117 6.94 -21.11 11.29
N VAL B 118 6.21 -22.18 11.09
CA VAL B 118 5.42 -22.39 9.90
C VAL B 118 4.02 -22.80 10.22
N GLN B 119 3.08 -22.32 9.41
CA GLN B 119 1.67 -22.78 9.44
C GLN B 119 1.43 -23.57 8.18
N SER B 120 1.13 -24.85 8.32
CA SER B 120 0.96 -25.74 7.15
C SER B 120 0.00 -26.80 7.60
N TYR B 121 -1.09 -26.97 6.86
CA TYR B 121 -2.10 -27.94 7.13
C TYR B 121 -1.54 -29.33 6.90
N TYR B 122 -0.66 -29.42 5.90
CA TYR B 122 0.03 -30.67 5.63
C TYR B 122 0.81 -31.08 6.87
N LEU B 123 1.63 -30.20 7.44
CA LEU B 123 2.36 -30.57 8.65
C LEU B 123 1.39 -30.82 9.81
N ASP B 124 0.24 -30.16 9.84
CA ASP B 124 -0.73 -30.50 10.87
C ASP B 124 -1.12 -31.99 10.77
N ARG B 125 -1.41 -32.41 9.55
CA ARG B 125 -1.82 -33.76 9.26
C ARG B 125 -0.70 -34.74 9.50
N GLU B 126 0.49 -34.44 8.98
CA GLU B 126 1.66 -35.33 9.11
C GLU B 126 2.03 -35.63 10.51
N ALA B 127 1.76 -34.71 11.42
CA ALA B 127 2.14 -34.84 12.80
C ALA B 127 0.97 -35.24 13.65
N GLY B 128 -0.18 -35.52 13.04
CA GLY B 128 -1.30 -36.00 13.83
C GLY B 128 -1.90 -34.94 14.74
N ARG B 129 -1.98 -33.70 14.23
CA ARG B 129 -2.65 -32.60 14.93
C ARG B 129 -3.88 -32.16 14.21
N ALA B 130 -4.79 -31.54 14.95
CA ALA B 130 -6.00 -30.98 14.34
C ALA B 130 -5.62 -29.79 13.43
N PRO B 131 -6.35 -29.58 12.31
CA PRO B 131 -6.04 -28.48 11.38
C PRO B 131 -5.99 -27.13 12.06
N GLY B 132 -4.88 -26.42 11.87
CA GLY B 132 -4.68 -25.09 12.44
C GLY B 132 -4.36 -25.06 13.94
N ASP B 133 -4.12 -26.23 14.49
CA ASP B 133 -4.02 -26.37 15.92
C ASP B 133 -2.60 -26.73 16.34
N ALA B 134 -1.65 -26.30 15.53
CA ALA B 134 -0.22 -26.41 15.77
C ALA B 134 0.58 -25.35 14.99
N VAL B 135 1.80 -25.12 15.46
CA VAL B 135 2.81 -24.36 14.76
C VAL B 135 3.97 -25.32 14.55
N HIS B 136 4.64 -25.23 13.40
CA HIS B 136 5.73 -26.16 13.06
C HIS B 136 7.08 -25.44 13.00
N LYS B 137 7.92 -25.67 14.02
CA LYS B 137 9.27 -25.14 14.09
C LYS B 137 10.21 -25.94 13.22
N ILE B 138 10.94 -25.27 12.34
CA ILE B 138 11.86 -25.93 11.44
C ILE B 138 13.22 -25.45 11.77
N TYR B 139 14.13 -26.40 11.95
CA TYR B 139 15.41 -26.12 12.61
C TYR B 139 16.46 -25.81 11.55
N PRO B 140 17.50 -25.06 11.96
CA PRO B 140 18.53 -24.68 11.03
C PRO B 140 19.11 -25.81 10.21
N SER B 141 19.24 -25.58 8.90
CA SER B 141 19.78 -26.53 7.92
C SER B 141 18.81 -27.64 7.56
N ALA B 142 17.67 -27.72 8.26
CA ALA B 142 16.59 -28.66 7.91
C ALA B 142 15.97 -28.44 6.53
N TYR B 143 15.50 -29.53 5.90
CA TYR B 143 14.88 -29.48 4.56
C TYR B 143 13.58 -30.26 4.60
N ILE B 144 12.45 -29.56 4.77
CA ILE B 144 11.19 -30.13 5.12
C ILE B 144 10.17 -29.85 4.04
N LYS B 145 9.28 -30.80 3.82
CA LYS B 145 8.22 -30.64 2.87
C LYS B 145 7.00 -30.05 3.59
N VAL B 146 6.42 -28.98 3.03
CA VAL B 146 5.35 -28.23 3.74
C VAL B 146 4.03 -28.16 3.01
N PHE B 147 3.93 -28.77 1.82
CA PHE B 147 2.70 -28.74 1.07
C PHE B 147 2.69 -29.80 -0.04
N ASP B 148 1.54 -30.47 -0.19
CA ASP B 148 1.37 -31.47 -1.20
C ASP B 148 0.21 -31.08 -2.06
N LEU B 149 0.46 -30.91 -3.36
CA LEU B 149 -0.57 -30.35 -4.22
C LEU B 149 -1.77 -31.28 -4.32
N ARG B 150 -1.52 -32.59 -4.53
CA ARG B 150 -2.57 -33.58 -4.70
C ARG B 150 -3.46 -33.71 -3.47
N GLN B 151 -2.84 -33.77 -2.29
CA GLN B 151 -3.59 -33.79 -0.99
C GLN B 151 -4.47 -32.55 -0.83
N CYS B 152 -3.93 -31.39 -1.20
CA CYS B 152 -4.70 -30.13 -1.15
C CYS B 152 -5.91 -30.23 -2.06
N HIS B 153 -5.64 -30.62 -3.30
CA HIS B 153 -6.69 -30.79 -4.28
C HIS B 153 -7.82 -31.77 -3.87
N ARG B 154 -7.44 -32.89 -3.22
CA ARG B 154 -8.40 -33.86 -2.71
C ARG B 154 -9.20 -33.25 -1.57
N GLN B 155 -8.53 -32.68 -0.59
CA GLN B 155 -9.24 -32.05 0.52
C GLN B 155 -10.23 -30.99 0.03
N MET B 156 -9.80 -30.33 -1.04
CA MET B 156 -10.58 -29.28 -1.72
C MET B 156 -11.84 -29.86 -2.33
N GLN B 157 -11.67 -30.81 -3.26
CA GLN B 157 -12.84 -31.45 -3.92
C GLN B 157 -13.79 -32.04 -2.86
N GLN B 158 -13.23 -32.59 -1.78
CA GLN B 158 -14.07 -33.20 -0.74
C GLN B 158 -14.88 -32.15 -0.03
N GLN B 159 -14.20 -31.23 0.62
CA GLN B 159 -14.88 -30.25 1.46
C GLN B 159 -15.91 -29.46 0.69
N ALA B 160 -15.73 -29.35 -0.63
CA ALA B 160 -16.77 -28.75 -1.50
C ALA B 160 -17.91 -29.67 -1.86
N ALA B 161 -17.59 -30.85 -2.37
CA ALA B 161 -18.63 -31.82 -2.71
C ALA B 161 -19.58 -32.07 -1.53
N THR B 162 -19.15 -31.80 -0.29
CA THR B 162 -20.13 -31.75 0.83
C THR B 162 -20.87 -30.37 0.86
N ALA B 163 -21.52 -30.06 -0.27
CA ALA B 163 -22.32 -28.83 -0.42
C ALA B 163 -23.48 -28.86 0.58
N GLN B 164 -23.83 -30.06 1.05
CA GLN B 164 -24.97 -30.33 1.87
C GLN B 164 -24.38 -30.67 3.25
N VAL B 201 -15.20 -21.16 1.48
CA VAL B 201 -14.40 -20.37 0.54
C VAL B 201 -13.24 -19.66 1.17
N ASP B 202 -13.51 -18.96 2.26
CA ASP B 202 -12.45 -18.34 2.99
C ASP B 202 -11.63 -19.42 3.70
N ASP B 203 -12.23 -20.57 3.97
CA ASP B 203 -11.49 -21.67 4.55
C ASP B 203 -10.72 -22.39 3.49
N LEU B 204 -11.33 -22.66 2.34
CA LEU B 204 -10.67 -23.51 1.33
C LEU B 204 -9.46 -22.77 0.83
N ARG B 205 -9.64 -21.47 0.68
CA ARG B 205 -8.57 -20.51 0.35
C ARG B 205 -7.30 -20.69 1.17
N ARG B 206 -7.47 -20.86 2.48
CA ARG B 206 -6.36 -21.08 3.44
C ARG B 206 -5.57 -22.37 3.21
N LEU B 207 -6.13 -23.34 2.49
CA LEU B 207 -5.35 -24.51 2.14
C LEU B 207 -4.24 -24.16 1.17
N CYS B 208 -4.45 -23.10 0.39
CA CYS B 208 -3.51 -22.77 -0.70
C CYS B 208 -2.51 -21.70 -0.28
N ILE B 209 -2.29 -21.59 1.04
CA ILE B 209 -1.48 -20.53 1.58
C ILE B 209 -0.62 -21.11 2.70
N LEU B 210 0.65 -20.67 2.77
CA LEU B 210 1.50 -20.92 3.93
C LEU B 210 1.84 -19.55 4.56
N ARG B 211 2.16 -19.55 5.83
CA ARG B 211 2.72 -18.42 6.51
C ARG B 211 3.83 -18.91 7.39
N MET B 212 4.81 -18.07 7.59
CA MET B 212 6.07 -18.42 8.22
C MET B 212 6.68 -17.20 8.92
N SER B 213 7.13 -17.40 10.14
CA SER B 213 7.73 -16.39 10.91
C SER B 213 9.21 -16.74 11.08
N PHE B 214 10.12 -15.83 10.74
CA PHE B 214 11.56 -16.00 10.99
C PHE B 214 11.72 -15.68 12.47
N VAL B 215 12.65 -16.34 13.15
CA VAL B 215 13.02 -15.95 14.50
C VAL B 215 12.08 -16.29 15.64
N LYS B 216 10.83 -15.81 15.62
CA LYS B 216 9.89 -16.03 16.76
C LYS B 216 8.63 -16.81 16.42
N GLY B 217 8.21 -17.65 17.34
CA GLY B 217 7.00 -18.46 17.21
C GLY B 217 5.88 -17.77 17.94
N TRP B 218 4.68 -18.31 17.70
CA TRP B 218 3.45 -17.69 18.21
C TRP B 218 2.50 -18.78 18.60
N GLY B 219 1.60 -18.50 19.53
CA GLY B 219 0.70 -19.54 19.99
C GLY B 219 0.62 -19.67 21.50
N PRO B 220 -0.14 -20.67 22.00
CA PRO B 220 -0.31 -20.88 23.45
C PRO B 220 1.00 -21.18 24.17
N ASP B 221 1.93 -21.89 23.50
CA ASP B 221 3.24 -22.13 24.01
C ASP B 221 4.12 -20.92 23.99
N TYR B 222 3.59 -19.71 23.69
CA TYR B 222 4.42 -18.51 23.54
C TYR B 222 3.78 -17.20 24.04
N PRO B 223 4.59 -16.11 24.14
CA PRO B 223 4.09 -14.77 24.59
C PRO B 223 3.10 -14.09 23.65
N ARG B 224 3.17 -14.46 22.38
CA ARG B 224 2.33 -13.87 21.38
C ARG B 224 1.41 -14.93 20.82
N GLN B 225 0.16 -14.53 20.59
CA GLN B 225 -0.91 -15.48 20.24
C GLN B 225 -1.07 -15.71 18.75
N SER B 226 -0.86 -14.69 17.92
CA SER B 226 -1.02 -14.82 16.49
C SER B 226 0.22 -14.30 15.76
N ILE B 227 0.31 -14.60 14.48
CA ILE B 227 1.51 -14.38 13.69
C ILE B 227 1.69 -12.91 13.36
N LYS B 228 0.59 -12.17 13.36
CA LYS B 228 0.65 -10.74 13.28
C LYS B 228 1.19 -10.00 14.50
N GLU B 229 1.51 -10.73 15.56
CA GLU B 229 2.20 -10.17 16.68
C GLU B 229 3.68 -10.53 16.62
N THR B 230 4.13 -11.24 15.58
CA THR B 230 5.52 -11.52 15.44
C THR B 230 6.26 -10.42 14.69
N PRO B 231 7.56 -10.24 15.03
CA PRO B 231 8.22 -9.07 14.42
C PRO B 231 8.50 -9.17 12.94
N CYS B 232 8.59 -10.37 12.36
CA CYS B 232 8.83 -10.42 10.95
C CYS B 232 8.48 -11.77 10.37
N TRP B 233 7.41 -11.80 9.59
CA TRP B 233 6.89 -12.95 8.96
C TRP B 233 6.45 -12.73 7.53
N ILE B 234 6.08 -13.81 6.84
CA ILE B 234 5.68 -13.68 5.43
C ILE B 234 4.46 -14.56 5.21
N GLU B 235 3.62 -14.18 4.24
CA GLU B 235 2.51 -15.03 3.73
C GLU B 235 2.71 -15.34 2.27
N ILE B 236 2.44 -16.57 1.89
CA ILE B 236 2.82 -17.14 0.61
C ILE B 236 1.59 -17.77 -0.01
N HIS B 237 1.14 -17.25 -1.15
CA HIS B 237 0.00 -17.72 -1.87
C HIS B 237 0.50 -18.59 -3.02
N LEU B 238 0.05 -19.84 -3.07
CA LEU B 238 0.55 -20.80 -4.03
C LEU B 238 -0.43 -20.82 -5.15
N HIS B 239 0.01 -20.56 -6.36
CA HIS B 239 -0.91 -20.14 -7.44
C HIS B 239 -1.59 -21.34 -8.11
N ARG B 240 -0.88 -22.43 -8.30
CA ARG B 240 -1.54 -23.63 -8.89
C ARG B 240 -2.67 -24.12 -8.00
N ALA B 241 -2.45 -24.12 -6.70
CA ALA B 241 -3.48 -24.48 -5.73
C ALA B 241 -4.71 -23.58 -5.86
N LEU B 242 -4.45 -22.29 -6.01
CA LEU B 242 -5.49 -21.33 -6.18
C LEU B 242 -6.22 -21.49 -7.50
N GLN B 243 -5.51 -21.81 -8.59
CA GLN B 243 -6.23 -22.09 -9.87
C GLN B 243 -7.17 -23.29 -9.66
N LEU B 244 -6.69 -24.34 -9.00
CA LEU B 244 -7.50 -25.55 -8.85
C LEU B 244 -8.72 -25.22 -8.03
N LEU B 245 -8.55 -24.53 -6.91
CA LEU B 245 -9.72 -24.11 -6.13
C LEU B 245 -10.67 -23.24 -6.95
N ASP B 246 -10.14 -22.39 -7.82
CA ASP B 246 -11.03 -21.59 -8.72
C ASP B 246 -11.93 -22.50 -9.55
N GLU B 247 -11.34 -23.54 -10.14
CA GLU B 247 -12.12 -24.50 -10.92
C GLU B 247 -13.12 -25.23 -10.04
N VAL B 248 -12.67 -25.67 -8.87
CA VAL B 248 -13.58 -26.29 -7.93
C VAL B 248 -14.74 -25.40 -7.54
N LEU B 249 -14.52 -24.12 -7.30
CA LEU B 249 -15.64 -23.22 -6.94
C LEU B 249 -16.66 -22.93 -8.08
N HIS B 250 -16.29 -23.21 -9.31
CA HIS B 250 -17.23 -23.12 -10.41
C HIS B 250 -17.99 -24.41 -10.70
N THR B 251 -17.61 -25.53 -10.09
CA THR B 251 -18.17 -26.86 -10.44
C THR B 251 -18.54 -27.55 -9.14
N ALA C 28 -3.26 4.72 -27.15
CA ALA C 28 -1.94 5.10 -26.61
C ALA C 28 -1.57 4.36 -25.29
N PRO C 29 -2.41 4.48 -24.20
CA PRO C 29 -1.91 4.10 -22.87
C PRO C 29 -1.73 2.63 -22.75
N GLU C 30 -0.77 2.23 -21.95
CA GLU C 30 -0.40 0.84 -21.81
C GLU C 30 -1.53 0.07 -21.10
N TYR C 31 -2.12 0.70 -20.07
CA TYR C 31 -3.24 0.11 -19.35
C TYR C 31 -4.38 1.07 -19.49
N TRP C 32 -5.58 0.53 -19.65
CA TRP C 32 -6.68 1.40 -19.91
C TRP C 32 -7.35 1.81 -18.63
N CYS C 33 -7.13 1.03 -17.57
CA CYS C 33 -7.49 1.52 -16.23
C CYS C 33 -6.71 0.76 -15.26
N SER C 34 -6.75 1.21 -14.01
CA SER C 34 -6.22 0.47 -12.88
C SER C 34 -7.20 0.57 -11.67
N ILE C 35 -7.28 -0.52 -10.91
CA ILE C 35 -8.28 -0.77 -9.93
C ILE C 35 -7.64 -1.09 -8.61
N ALA C 36 -8.11 -0.39 -7.58
CA ALA C 36 -7.66 -0.56 -6.20
C ALA C 36 -8.84 -0.99 -5.37
N TYR C 37 -8.72 -2.07 -4.62
CA TYR C 37 -9.75 -2.63 -3.78
C TYR C 37 -9.57 -2.25 -2.31
N PHE C 38 -10.64 -2.03 -1.60
CA PHE C 38 -10.60 -1.62 -0.23
C PHE C 38 -11.59 -2.39 0.54
N GLU C 39 -11.33 -2.45 1.81
CA GLU C 39 -12.20 -3.04 2.76
C GLU C 39 -12.24 -1.98 3.76
N MET C 40 -13.32 -1.25 3.80
CA MET C 40 -13.48 -0.10 4.65
C MET C 40 -12.42 0.87 4.25
N ASP C 41 -11.64 1.35 5.18
CA ASP C 41 -10.63 2.33 4.87
C ASP C 41 -9.22 1.87 4.60
N VAL C 42 -9.06 0.61 4.32
CA VAL C 42 -7.78 0.04 4.10
C VAL C 42 -7.68 -0.56 2.76
N GLN C 43 -6.68 -0.23 1.98
CA GLN C 43 -6.54 -0.86 0.69
C GLN C 43 -6.04 -2.24 0.91
N VAL C 44 -6.61 -3.14 0.19
CA VAL C 44 -6.26 -4.58 0.30
C VAL C 44 -5.77 -5.11 -1.04
N GLY C 45 -4.64 -5.79 -1.05
CA GLY C 45 -4.09 -6.40 -2.27
C GLY C 45 -3.25 -5.39 -2.98
N GLU C 46 -2.79 -5.75 -4.20
CA GLU C 46 -2.10 -4.74 -4.98
C GLU C 46 -3.10 -4.12 -5.98
N THR C 47 -2.73 -2.98 -6.56
CA THR C 47 -3.50 -2.30 -7.56
C THR C 47 -3.46 -3.06 -8.87
N PHE C 48 -4.63 -3.42 -9.41
CA PHE C 48 -4.72 -4.27 -10.57
C PHE C 48 -4.75 -3.39 -11.79
N LYS C 49 -3.74 -3.55 -12.66
CA LYS C 49 -3.64 -2.76 -13.87
C LYS C 49 -4.18 -3.52 -15.05
N VAL C 50 -5.01 -2.90 -15.89
CA VAL C 50 -5.71 -3.61 -16.97
C VAL C 50 -5.16 -3.24 -18.36
N PRO C 51 -4.49 -4.18 -19.05
CA PRO C 51 -3.91 -3.89 -20.37
C PRO C 51 -4.92 -3.38 -21.40
N SER C 52 -4.50 -2.47 -22.24
CA SER C 52 -5.32 -1.90 -23.30
C SER C 52 -5.92 -2.91 -24.24
N SER C 53 -5.31 -4.09 -24.36
CA SER C 53 -5.82 -5.18 -25.19
C SER C 53 -6.87 -6.06 -24.49
N CYS C 54 -7.24 -5.71 -23.25
CA CYS C 54 -8.28 -6.39 -22.47
C CYS C 54 -9.34 -5.32 -22.24
N PRO C 55 -10.16 -5.08 -23.27
CA PRO C 55 -11.21 -4.07 -23.11
C PRO C 55 -12.28 -4.42 -22.09
N ILE C 56 -12.41 -5.69 -21.70
CA ILE C 56 -13.39 -6.15 -20.70
C ILE C 56 -12.62 -6.78 -19.60
N VAL C 57 -12.86 -6.32 -18.37
CA VAL C 57 -12.21 -6.82 -17.20
C VAL C 57 -13.31 -7.23 -16.20
N THR C 58 -13.28 -8.50 -15.75
CA THR C 58 -14.12 -8.98 -14.71
C THR C 58 -13.45 -8.76 -13.35
N VAL C 59 -14.20 -8.30 -12.33
CA VAL C 59 -13.72 -8.20 -10.91
C VAL C 59 -14.70 -9.03 -10.04
N ASP C 60 -14.25 -10.09 -9.40
CA ASP C 60 -15.21 -11.01 -8.77
C ASP C 60 -14.73 -11.47 -7.43
N GLY C 61 -15.46 -12.37 -6.84
CA GLY C 61 -15.13 -12.91 -5.56
C GLY C 61 -14.46 -14.24 -5.49
N TYR C 62 -13.97 -14.74 -6.59
CA TYR C 62 -13.28 -16.00 -6.66
C TYR C 62 -11.81 -15.87 -6.37
N VAL C 63 -11.04 -16.89 -6.64
CA VAL C 63 -9.65 -16.91 -6.29
C VAL C 63 -8.54 -17.07 -7.30
N ASP C 64 -8.79 -17.07 -8.59
CA ASP C 64 -7.71 -17.20 -9.54
C ASP C 64 -6.89 -15.95 -9.38
N PRO C 65 -5.55 -16.16 -9.15
CA PRO C 65 -4.78 -14.94 -8.92
C PRO C 65 -4.02 -14.42 -10.08
N SER C 66 -4.39 -14.85 -11.27
CA SER C 66 -3.56 -14.73 -12.49
C SER C 66 -3.15 -13.34 -12.82
N GLY C 67 -4.06 -12.38 -12.85
CA GLY C 67 -3.80 -11.12 -13.62
C GLY C 67 -4.65 -11.07 -14.89
N GLY C 68 -4.26 -10.22 -15.83
CA GLY C 68 -4.88 -10.20 -17.15
C GLY C 68 -6.24 -9.62 -17.15
N ASP C 69 -7.25 -10.41 -17.54
CA ASP C 69 -8.59 -9.90 -17.75
C ASP C 69 -9.58 -10.22 -16.61
N ARG C 70 -9.03 -10.58 -15.47
CA ARG C 70 -9.84 -10.88 -14.31
C ARG C 70 -9.08 -10.60 -13.09
N PHE C 71 -9.69 -9.84 -12.19
CA PHE C 71 -9.12 -9.45 -10.89
C PHE C 71 -9.98 -10.15 -9.86
N CYS C 72 -9.51 -11.24 -9.30
CA CYS C 72 -10.22 -11.92 -8.24
C CYS C 72 -9.84 -11.38 -6.84
N LEU C 73 -10.82 -11.28 -5.98
CA LEU C 73 -10.68 -10.72 -4.65
C LEU C 73 -10.83 -11.77 -3.56
N GLY C 74 -11.17 -13.00 -3.92
CA GLY C 74 -11.53 -14.01 -2.93
C GLY C 74 -10.33 -14.43 -2.08
N GLN C 75 -9.18 -14.44 -2.70
CA GLN C 75 -7.99 -14.90 -2.06
C GLN C 75 -7.25 -13.84 -1.22
N LEU C 76 -7.62 -12.58 -1.38
CA LEU C 76 -6.85 -11.60 -0.72
C LEU C 76 -6.99 -11.69 0.82
N SER C 77 -5.86 -11.46 1.49
CA SER C 77 -5.73 -11.40 2.94
C SER C 77 -5.85 -10.02 3.44
N ASN C 78 -6.22 -9.91 4.71
CA ASN C 78 -6.28 -8.58 5.36
C ASN C 78 -6.21 -8.76 6.82
N VAL C 79 -5.09 -8.37 7.43
CA VAL C 79 -4.91 -8.59 8.84
C VAL C 79 -6.04 -7.99 9.68
N HIS C 80 -6.65 -6.90 9.23
CA HIS C 80 -7.66 -6.16 10.00
C HIS C 80 -9.10 -6.53 9.65
N ARG C 81 -9.27 -7.60 8.91
CA ARG C 81 -10.58 -7.99 8.48
C ARG C 81 -11.50 -8.36 9.66
N THR C 82 -12.80 -8.19 9.48
CA THR C 82 -13.80 -8.46 10.52
C THR C 82 -14.83 -9.43 9.97
N GLU C 83 -15.60 -9.95 10.89
CA GLU C 83 -16.74 -10.80 10.64
C GLU C 83 -17.64 -10.19 9.58
N ALA C 84 -17.93 -8.90 9.73
CA ALA C 84 -18.86 -8.20 8.84
C ALA C 84 -18.33 -8.16 7.40
N ILE C 85 -17.05 -7.85 7.26
CA ILE C 85 -16.39 -7.77 5.95
C ILE C 85 -16.34 -9.16 5.32
N GLU C 86 -16.13 -10.17 6.16
CA GLU C 86 -16.22 -11.53 5.67
C GLU C 86 -17.58 -11.81 5.14
N ARG C 87 -18.61 -11.53 5.94
CA ARG C 87 -20.01 -11.73 5.54
C ARG C 87 -20.22 -11.13 4.14
N ALA C 88 -19.91 -9.85 4.01
CA ALA C 88 -20.15 -9.12 2.78
C ALA C 88 -19.43 -9.72 1.57
N ARG C 89 -18.18 -10.07 1.72
CA ARG C 89 -17.43 -10.75 0.67
C ARG C 89 -18.14 -11.94 0.06
N LEU C 90 -18.98 -12.64 0.83
CA LEU C 90 -19.77 -13.78 0.28
C LEU C 90 -20.75 -13.42 -0.81
N HIS C 91 -21.27 -12.19 -0.73
CA HIS C 91 -22.18 -11.67 -1.73
C HIS C 91 -21.53 -11.03 -2.99
N ILE C 92 -20.21 -10.91 -3.05
CA ILE C 92 -19.58 -10.38 -4.27
C ILE C 92 -19.85 -11.37 -5.42
N GLY C 93 -19.64 -12.64 -5.20
CA GLY C 93 -20.01 -13.62 -6.20
C GLY C 93 -19.35 -13.34 -7.54
N LYS C 94 -20.17 -13.28 -8.61
CA LYS C 94 -19.61 -13.15 -9.94
C LYS C 94 -19.22 -11.71 -10.24
N GLY C 95 -19.54 -10.82 -9.33
CA GLY C 95 -19.01 -9.50 -9.36
C GLY C 95 -19.48 -8.70 -10.52
N VAL C 96 -18.57 -7.93 -11.12
CA VAL C 96 -18.89 -7.10 -12.26
C VAL C 96 -17.89 -7.19 -13.41
N GLN C 97 -18.33 -6.85 -14.61
CA GLN C 97 -17.48 -6.49 -15.77
C GLN C 97 -17.47 -4.98 -15.94
N LEU C 98 -16.30 -4.48 -16.34
CA LEU C 98 -16.12 -3.10 -16.69
C LEU C 98 -15.61 -3.15 -18.11
N GLU C 99 -16.35 -2.52 -19.01
CA GLU C 99 -16.06 -2.62 -20.40
C GLU C 99 -15.67 -1.28 -20.96
N CYS C 100 -14.57 -1.25 -21.72
CA CYS C 100 -14.13 -0.01 -22.39
C CYS C 100 -14.59 -0.06 -23.86
N LYS C 101 -15.55 0.80 -24.21
CA LYS C 101 -16.22 0.79 -25.51
C LYS C 101 -15.68 1.83 -26.43
N GLY C 102 -15.29 1.39 -27.64
CA GLY C 102 -14.73 2.24 -28.72
C GLY C 102 -13.74 3.27 -28.25
N GLU C 103 -14.07 4.56 -28.42
CA GLU C 103 -13.11 5.57 -27.98
C GLU C 103 -12.54 5.43 -26.59
N GLY C 104 -13.29 4.90 -25.60
CA GLY C 104 -13.02 5.18 -24.19
C GLY C 104 -14.17 5.25 -23.21
N ASP C 105 -15.37 4.95 -23.67
CA ASP C 105 -16.56 5.05 -22.83
C ASP C 105 -16.52 3.83 -21.96
N VAL C 106 -17.04 3.93 -20.73
CA VAL C 106 -16.97 2.77 -19.83
C VAL C 106 -18.37 2.32 -19.44
N TRP C 107 -18.62 1.01 -19.60
CA TRP C 107 -19.88 0.35 -19.21
C TRP C 107 -19.67 -0.62 -18.09
N VAL C 108 -20.67 -0.82 -17.26
CA VAL C 108 -20.58 -1.78 -16.17
C VAL C 108 -21.66 -2.83 -16.38
N ARG C 109 -21.35 -4.10 -16.17
CA ARG C 109 -22.38 -5.17 -16.22
C ARG C 109 -22.34 -5.90 -14.91
N CYS C 110 -23.48 -5.96 -14.21
CA CYS C 110 -23.50 -6.47 -12.83
C CYS C 110 -23.84 -7.92 -12.89
N LEU C 111 -22.82 -8.75 -13.11
CA LEU C 111 -22.95 -10.22 -13.12
C LEU C 111 -23.34 -10.83 -11.76
N SER C 112 -23.06 -10.15 -10.66
CA SER C 112 -23.45 -10.62 -9.27
C SER C 112 -24.97 -10.72 -9.08
N ASP C 113 -25.37 -11.42 -8.03
CA ASP C 113 -26.81 -11.54 -7.65
C ASP C 113 -27.19 -10.46 -6.67
N HIS C 114 -26.22 -9.64 -6.30
CA HIS C 114 -26.48 -8.49 -5.48
C HIS C 114 -26.13 -7.27 -6.32
N ALA C 115 -26.83 -6.17 -6.04
CA ALA C 115 -26.63 -4.94 -6.72
C ALA C 115 -25.38 -4.27 -6.23
N VAL C 116 -24.90 -3.35 -7.04
CA VAL C 116 -23.69 -2.60 -6.74
C VAL C 116 -24.03 -1.20 -6.67
N PHE C 117 -23.18 -0.42 -6.06
CA PHE C 117 -23.45 1.02 -5.92
C PHE C 117 -22.31 1.80 -6.45
N VAL C 118 -22.59 2.86 -7.20
CA VAL C 118 -21.59 3.48 -8.06
C VAL C 118 -21.60 4.97 -7.90
N GLN C 119 -20.41 5.54 -7.97
CA GLN C 119 -20.26 6.99 -8.00
C GLN C 119 -19.81 7.33 -9.43
N SER C 120 -20.64 8.09 -10.17
CA SER C 120 -20.33 8.42 -11.56
C SER C 120 -20.97 9.77 -11.81
N TYR C 121 -20.15 10.70 -12.29
CA TYR C 121 -20.62 12.04 -12.57
C TYR C 121 -21.54 12.01 -13.78
N TYR C 122 -21.22 11.12 -14.70
CA TYR C 122 -22.04 10.90 -15.85
C TYR C 122 -23.44 10.48 -15.41
N LEU C 123 -23.59 9.46 -14.55
CA LEU C 123 -24.93 9.09 -14.04
C LEU C 123 -25.55 10.23 -13.21
N ASP C 124 -24.73 11.06 -12.57
CA ASP C 124 -25.29 12.24 -11.93
C ASP C 124 -25.96 13.18 -12.95
N ARG C 125 -25.23 13.41 -14.05
CA ARG C 125 -25.69 14.28 -15.17
C ARG C 125 -26.91 13.68 -15.84
N GLU C 126 -26.84 12.41 -16.18
CA GLU C 126 -27.92 11.68 -16.86
C GLU C 126 -29.24 11.69 -16.14
N ALA C 127 -29.20 11.72 -14.82
CA ALA C 127 -30.41 11.71 -14.04
C ALA C 127 -30.78 13.08 -13.56
N GLY C 128 -30.07 14.12 -13.98
CA GLY C 128 -30.40 15.47 -13.53
C GLY C 128 -30.08 15.82 -12.08
N ARG C 129 -29.02 15.24 -11.56
CA ARG C 129 -28.64 15.46 -10.16
C ARG C 129 -27.43 16.32 -10.18
N ALA C 130 -27.22 17.05 -9.07
CA ALA C 130 -26.03 17.82 -8.92
C ALA C 130 -24.82 16.87 -8.81
N PRO C 131 -23.67 17.26 -9.39
CA PRO C 131 -22.45 16.42 -9.28
C PRO C 131 -22.12 15.97 -7.87
N GLY C 132 -21.94 14.66 -7.70
CA GLY C 132 -21.55 14.06 -6.42
C GLY C 132 -22.66 14.07 -5.40
N ASP C 133 -23.88 14.34 -5.85
CA ASP C 133 -25.03 14.51 -4.96
C ASP C 133 -26.07 13.38 -5.18
N ALA C 134 -25.56 12.20 -5.59
CA ALA C 134 -26.30 10.97 -5.70
C ALA C 134 -25.37 9.75 -5.64
N VAL C 135 -25.94 8.60 -5.35
CA VAL C 135 -25.31 7.28 -5.52
C VAL C 135 -26.15 6.50 -6.50
N HIS C 136 -25.55 5.65 -7.33
CA HIS C 136 -26.28 4.96 -8.39
C HIS C 136 -26.25 3.46 -8.18
N LYS C 137 -27.39 2.90 -7.79
CA LYS C 137 -27.59 1.46 -7.63
C LYS C 137 -27.85 0.75 -8.92
N ILE C 138 -27.04 -0.26 -9.22
CA ILE C 138 -27.16 -0.96 -10.49
C ILE C 138 -27.58 -2.34 -10.18
N TYR C 139 -28.63 -2.80 -10.83
CA TYR C 139 -29.29 -4.01 -10.40
C TYR C 139 -28.76 -5.24 -11.12
N PRO C 140 -28.88 -6.41 -10.52
CA PRO C 140 -28.32 -7.60 -11.12
C PRO C 140 -28.66 -7.75 -12.60
N SER C 141 -27.66 -8.08 -13.42
CA SER C 141 -27.76 -8.44 -14.86
C SER C 141 -27.92 -7.23 -15.73
N ALA C 142 -28.05 -6.07 -15.09
CA ALA C 142 -28.08 -4.78 -15.79
C ALA C 142 -26.81 -4.48 -16.48
N TYR C 143 -26.90 -3.70 -17.54
CA TYR C 143 -25.73 -3.30 -18.35
C TYR C 143 -25.82 -1.86 -18.58
N ILE C 144 -25.11 -1.09 -17.79
CA ILE C 144 -25.26 0.40 -17.72
C ILE C 144 -24.01 1.10 -18.07
N LYS C 145 -24.15 2.21 -18.76
CA LYS C 145 -22.98 3.00 -19.17
C LYS C 145 -22.70 3.97 -18.05
N VAL C 146 -21.43 4.06 -17.64
CA VAL C 146 -21.07 4.88 -16.44
C VAL C 146 -20.06 5.95 -16.68
N PHE C 147 -19.58 6.07 -17.93
CA PHE C 147 -18.62 7.14 -18.26
C PHE C 147 -18.58 7.43 -19.78
N ASP C 148 -18.49 8.72 -20.12
CA ASP C 148 -18.35 9.17 -21.49
C ASP C 148 -17.11 10.01 -21.65
N LEU C 149 -16.19 9.57 -22.49
CA LEU C 149 -14.88 10.20 -22.54
C LEU C 149 -14.98 11.60 -23.03
N ARG C 150 -15.74 11.82 -24.12
CA ARG C 150 -15.87 13.17 -24.69
C ARG C 150 -16.53 14.13 -23.76
N GLN C 151 -17.58 13.72 -23.06
CA GLN C 151 -18.24 14.59 -22.07
C GLN C 151 -17.27 15.01 -21.00
N CYS C 152 -16.46 14.05 -20.57
CA CYS C 152 -15.47 14.33 -19.54
C CYS C 152 -14.50 15.35 -20.03
N HIS C 153 -13.95 15.07 -21.23
CA HIS C 153 -13.02 15.97 -21.85
C HIS C 153 -13.58 17.41 -22.03
N ARG C 154 -14.87 17.52 -22.35
CA ARG C 154 -15.53 18.81 -22.59
C ARG C 154 -15.68 19.53 -21.26
N GLN C 155 -16.22 18.85 -20.26
CA GLN C 155 -16.29 19.45 -18.90
C GLN C 155 -14.93 19.92 -18.36
N MET C 156 -13.91 19.14 -18.72
CA MET C 156 -12.48 19.41 -18.36
C MET C 156 -12.00 20.70 -19.03
N GLN C 157 -12.03 20.74 -20.36
CA GLN C 157 -11.58 21.97 -21.14
C GLN C 157 -12.35 23.20 -20.70
N GLN C 158 -13.61 23.02 -20.41
CA GLN C 158 -14.44 24.15 -20.13
C GLN C 158 -14.18 24.79 -18.79
N GLN C 159 -14.17 23.96 -17.73
CA GLN C 159 -13.87 24.46 -16.39
C GLN C 159 -12.51 25.05 -16.31
N ALA C 160 -11.55 24.46 -17.02
CA ALA C 160 -10.20 25.04 -17.02
C ALA C 160 -10.14 26.36 -17.73
N ALA C 161 -10.59 26.39 -18.98
CA ALA C 161 -10.57 27.64 -19.77
C ALA C 161 -11.31 28.78 -19.12
N THR C 162 -12.39 28.48 -18.39
CA THR C 162 -13.25 29.52 -17.86
C THR C 162 -12.64 30.03 -16.57
N ALA C 163 -12.15 29.16 -15.69
CA ALA C 163 -11.48 29.63 -14.46
C ALA C 163 -10.25 30.48 -14.80
N GLN C 164 -9.52 30.08 -15.84
CA GLN C 164 -8.37 30.84 -16.30
C GLN C 164 -8.83 32.21 -16.78
N ALA C 165 -9.92 32.26 -17.58
CA ALA C 165 -10.48 33.54 -18.09
C ALA C 165 -10.94 34.41 -16.91
N ALA C 166 -11.84 33.89 -16.08
CA ALA C 166 -12.28 34.58 -14.84
C ALA C 166 -11.18 35.31 -14.05
N ALA C 167 -10.00 34.69 -13.92
CA ALA C 167 -8.90 35.32 -13.17
C ALA C 167 -8.20 36.41 -13.97
N ALA C 168 -7.87 36.11 -15.23
CA ALA C 168 -7.36 37.12 -16.17
C ALA C 168 -8.23 38.40 -16.11
N ALA C 169 -9.50 38.27 -15.68
CA ALA C 169 -10.41 39.42 -15.70
C ALA C 169 -9.85 40.60 -14.92
N GLN C 170 -8.87 40.36 -14.05
CA GLN C 170 -8.19 41.46 -13.34
C GLN C 170 -7.10 42.23 -14.11
N ALA C 171 -7.56 43.29 -14.80
CA ALA C 171 -6.70 44.35 -15.37
C ALA C 171 -6.66 45.63 -14.50
N ALA C 172 -7.10 45.55 -13.24
CA ALA C 172 -7.45 46.73 -12.43
C ALA C 172 -6.32 47.77 -12.29
N VAL C 201 -8.42 21.12 -9.75
CA VAL C 201 -7.46 20.05 -10.02
C VAL C 201 -7.76 18.74 -9.28
N ASP C 202 -7.97 18.84 -7.98
CA ASP C 202 -8.45 17.69 -7.20
C ASP C 202 -9.93 17.41 -7.61
N ASP C 203 -10.66 18.42 -8.07
CA ASP C 203 -12.02 18.20 -8.57
C ASP C 203 -12.00 17.66 -9.99
N LEU C 204 -11.17 18.18 -10.86
CA LEU C 204 -11.15 17.69 -12.23
C LEU C 204 -10.77 16.25 -12.21
N ARG C 205 -9.79 15.93 -11.39
CA ARG C 205 -9.24 14.56 -11.26
C ARG C 205 -10.35 13.55 -11.07
N ARG C 206 -11.34 13.94 -10.28
CA ARG C 206 -12.44 13.09 -9.92
C ARG C 206 -13.40 12.83 -11.04
N LEU C 207 -13.34 13.61 -12.11
CA LEU C 207 -14.05 13.24 -13.33
C LEU C 207 -13.49 11.97 -13.97
N CYS C 208 -12.22 11.67 -13.76
CA CYS C 208 -11.57 10.53 -14.43
C CYS C 208 -11.52 9.28 -13.56
N ILE C 209 -12.42 9.21 -12.57
CA ILE C 209 -12.37 8.13 -11.59
C ILE C 209 -13.78 7.67 -11.26
N LEU C 210 -13.99 6.36 -11.16
CA LEU C 210 -15.24 5.77 -10.70
C LEU C 210 -14.95 4.98 -9.44
N ARG C 211 -15.97 4.87 -8.58
CA ARG C 211 -15.85 4.08 -7.40
C ARG C 211 -17.12 3.36 -7.30
N MET C 212 -17.01 2.13 -6.76
CA MET C 212 -18.10 1.19 -6.73
C MET C 212 -18.03 0.29 -5.49
N SER C 213 -19.15 0.12 -4.81
CA SER C 213 -19.25 -0.72 -3.63
C SER C 213 -20.12 -1.95 -3.94
N PHE C 214 -19.57 -3.17 -3.80
CA PHE C 214 -20.32 -4.37 -4.04
C PHE C 214 -21.17 -4.43 -2.81
N VAL C 215 -22.34 -4.96 -2.91
CA VAL C 215 -23.12 -5.19 -1.71
C VAL C 215 -23.79 -3.99 -0.98
N LYS C 216 -23.07 -3.00 -0.47
CA LYS C 216 -23.72 -1.97 0.40
C LYS C 216 -23.55 -0.56 -0.09
N GLY C 217 -24.56 0.24 0.11
CA GLY C 217 -24.60 1.61 -0.40
C GLY C 217 -24.29 2.52 0.74
N TRP C 218 -24.12 3.80 0.41
CA TRP C 218 -23.60 4.78 1.36
C TRP C 218 -24.22 6.11 1.05
N GLY C 219 -24.32 6.98 2.05
CA GLY C 219 -24.96 8.33 1.87
C GLY C 219 -25.75 8.79 3.10
N PRO C 220 -26.24 10.05 3.07
CA PRO C 220 -27.04 10.58 4.18
C PRO C 220 -28.32 9.82 4.46
N ASP C 221 -28.95 9.25 3.41
CA ASP C 221 -30.12 8.36 3.56
C ASP C 221 -29.74 6.94 3.96
N TYR C 222 -28.48 6.68 4.34
CA TYR C 222 -27.99 5.34 4.66
C TYR C 222 -27.25 5.34 5.99
N PRO C 223 -27.01 4.14 6.58
CA PRO C 223 -26.25 4.08 7.86
C PRO C 223 -24.84 4.61 7.78
N ARG C 224 -24.24 4.45 6.60
CA ARG C 224 -22.87 4.82 6.40
C ARG C 224 -22.82 5.98 5.45
N GLN C 225 -21.96 6.95 5.76
CA GLN C 225 -21.95 8.21 5.06
C GLN C 225 -21.05 8.23 3.85
N SER C 226 -19.92 7.52 3.92
CA SER C 226 -18.94 7.55 2.83
C SER C 226 -18.55 6.14 2.44
N ILE C 227 -17.90 6.01 1.30
CA ILE C 227 -17.67 4.69 0.71
C ILE C 227 -16.59 3.92 1.47
N LYS C 228 -15.73 4.65 2.15
CA LYS C 228 -14.74 4.07 3.02
C LYS C 228 -15.28 3.48 4.32
N GLU C 229 -16.60 3.62 4.53
CA GLU C 229 -17.30 2.91 5.58
C GLU C 229 -18.00 1.68 5.08
N THR C 230 -17.86 1.34 3.79
CA THR C 230 -18.47 0.16 3.27
C THR C 230 -17.50 -1.03 3.31
N PRO C 231 -18.04 -2.24 3.38
CA PRO C 231 -17.09 -3.31 3.69
C PRO C 231 -16.23 -3.75 2.54
N CYS C 232 -16.64 -3.47 1.32
CA CYS C 232 -15.80 -3.88 0.21
C CYS C 232 -16.15 -3.19 -1.07
N TRP C 233 -15.27 -2.27 -1.47
CA TRP C 233 -15.42 -1.44 -2.62
C TRP C 233 -14.13 -1.32 -3.44
N ILE C 234 -14.20 -0.67 -4.60
CA ILE C 234 -13.04 -0.47 -5.47
C ILE C 234 -13.03 0.97 -6.00
N GLU C 235 -11.85 1.52 -6.29
CA GLU C 235 -11.66 2.76 -6.97
C GLU C 235 -10.90 2.48 -8.29
N ILE C 236 -11.38 3.11 -9.37
CA ILE C 236 -10.98 2.78 -10.74
C ILE C 236 -10.53 4.08 -11.40
N HIS C 237 -9.27 4.16 -11.77
CA HIS C 237 -8.70 5.30 -12.42
C HIS C 237 -8.65 5.02 -13.91
N LEU C 238 -9.29 5.88 -14.72
CA LEU C 238 -9.36 5.67 -16.14
C LEU C 238 -8.24 6.46 -16.78
N HIS C 239 -7.38 5.82 -17.56
CA HIS C 239 -6.07 6.38 -17.89
C HIS C 239 -6.15 7.35 -19.05
N ARG C 240 -6.98 7.07 -20.04
CA ARG C 240 -7.08 8.04 -21.16
C ARG C 240 -7.62 9.37 -20.68
N ALA C 241 -8.63 9.34 -19.84
CA ALA C 241 -9.16 10.58 -19.19
C ALA C 241 -8.12 11.35 -18.43
N LEU C 242 -7.30 10.62 -17.69
CA LEU C 242 -6.17 11.22 -16.96
C LEU C 242 -5.07 11.77 -17.84
N GLN C 243 -4.71 11.07 -18.94
CA GLN C 243 -3.78 11.71 -19.92
C GLN C 243 -4.37 13.02 -20.42
N LEU C 244 -5.66 13.01 -20.80
CA LEU C 244 -6.25 14.22 -21.35
C LEU C 244 -6.16 15.33 -20.33
N LEU C 245 -6.55 15.07 -19.10
CA LEU C 245 -6.49 16.14 -18.10
C LEU C 245 -5.07 16.61 -17.96
N ASP C 246 -4.10 15.70 -18.07
CA ASP C 246 -2.69 16.11 -17.94
C ASP C 246 -2.38 17.18 -18.98
N GLU C 247 -2.83 16.94 -20.20
CA GLU C 247 -2.59 17.89 -21.28
C GLU C 247 -3.28 19.18 -20.96
N VAL C 248 -4.52 19.08 -20.54
CA VAL C 248 -5.24 20.27 -20.20
C VAL C 248 -4.53 21.06 -19.16
N LEU C 249 -3.96 20.43 -18.13
CA LEU C 249 -3.31 21.19 -17.03
C LEU C 249 -1.97 21.89 -17.45
N HIS C 250 -1.36 21.43 -18.52
CA HIS C 250 -0.21 22.15 -19.10
C HIS C 250 -0.68 23.35 -20.05
N THR C 251 -2.01 23.61 -20.07
CA THR C 251 -2.69 24.87 -20.49
C THR C 251 -2.95 24.78 -22.01
N GLY D 23 -5.05 48.91 -2.24
CA GLY D 23 -5.98 48.76 -3.42
C GLY D 23 -5.37 47.98 -4.57
N SER D 24 -4.18 48.40 -5.01
CA SER D 24 -3.47 47.77 -6.13
C SER D 24 -2.21 47.00 -5.70
N ALA D 25 -1.61 47.39 -4.57
CA ALA D 25 -0.46 46.66 -4.07
C ALA D 25 -0.97 45.37 -3.42
N PHE D 26 -0.21 44.30 -3.53
CA PHE D 26 -0.63 43.01 -2.93
C PHE D 26 0.58 42.52 -2.17
N GLU D 27 0.33 41.65 -1.19
CA GLU D 27 1.39 41.09 -0.36
C GLU D 27 2.11 39.94 -1.03
N VAL D 28 3.39 39.83 -0.72
CA VAL D 28 4.28 38.79 -1.28
C VAL D 28 5.17 38.20 -0.18
N GLU D 29 6.03 37.23 -0.56
CA GLU D 29 6.90 36.58 0.42
C GLU D 29 8.00 35.77 -0.25
N HIS D 30 9.03 35.51 0.52
CA HIS D 30 10.08 34.58 0.13
C HIS D 30 10.53 33.77 1.34
N GLU D 31 11.09 32.60 1.05
CA GLU D 31 11.56 31.68 2.09
C GLU D 31 13.05 31.35 1.90
N CYS D 32 13.85 32.26 1.31
CA CYS D 32 15.29 32.03 1.18
C CYS D 32 16.11 32.51 2.36
N LEU D 33 17.10 31.71 2.76
CA LEU D 33 17.98 31.96 3.90
C LEU D 33 17.23 32.64 5.04
N GLY D 34 16.03 32.16 5.36
CA GLY D 34 15.14 32.79 6.28
C GLY D 34 13.72 32.95 5.71
N LYS D 35 13.04 34.00 6.09
CA LYS D 35 11.76 34.26 5.51
C LYS D 35 11.52 35.76 5.53
N CYS D 36 10.72 36.27 4.61
CA CYS D 36 10.33 37.68 4.65
C CYS D 36 9.08 37.95 3.86
N GLN D 37 8.19 38.72 4.48
CA GLN D 37 6.90 39.06 3.98
C GLN D 37 6.91 40.55 3.63
N GLY D 38 6.22 40.94 2.59
CA GLY D 38 6.31 42.30 2.09
C GLY D 38 5.08 42.67 1.28
N LEU D 39 4.96 43.96 0.95
CA LEU D 39 3.84 44.52 0.13
C LEU D 39 4.39 45.07 -1.17
N PHE D 40 3.87 44.55 -2.27
CA PHE D 40 4.39 44.82 -3.62
C PHE D 40 3.42 45.73 -4.32
N ALA D 41 3.94 46.86 -4.80
CA ALA D 41 3.19 47.91 -5.52
C ALA D 41 3.68 47.94 -6.96
N PRO D 42 2.90 47.40 -7.91
CA PRO D 42 3.38 47.34 -9.32
C PRO D 42 3.61 48.71 -9.97
N GLN D 43 2.89 49.73 -9.50
CA GLN D 43 3.17 51.13 -9.85
C GLN D 43 4.63 51.51 -9.85
N PHE D 44 5.36 51.18 -8.77
CA PHE D 44 6.75 51.66 -8.57
C PHE D 44 7.80 50.83 -9.28
N TYR D 45 7.41 49.70 -9.85
CA TYR D 45 8.41 48.81 -10.46
C TYR D 45 8.74 49.25 -11.91
N VAL D 46 9.44 50.39 -12.01
CA VAL D 46 9.67 51.11 -13.29
C VAL D 46 11.05 50.90 -13.92
N GLN D 47 11.96 50.34 -13.16
CA GLN D 47 13.32 49.99 -13.60
C GLN D 47 13.71 48.69 -12.85
N PRO D 48 14.55 47.81 -13.46
CA PRO D 48 15.08 46.62 -12.76
C PRO D 48 15.47 46.84 -11.26
N ASP D 49 16.09 47.97 -10.94
CA ASP D 49 16.52 48.29 -9.60
C ASP D 49 15.52 49.18 -8.76
N ALA D 50 14.24 49.20 -9.14
CA ALA D 50 13.27 50.13 -8.53
C ALA D 50 12.63 49.59 -7.26
N PRO D 51 12.85 50.27 -6.09
CA PRO D 51 12.26 49.80 -4.83
C PRO D 51 10.74 49.82 -4.84
N CYS D 52 10.15 48.66 -5.08
CA CYS D 52 8.69 48.50 -5.11
C CYS D 52 8.14 47.61 -4.01
N ILE D 53 8.99 46.94 -3.24
CA ILE D 53 8.51 46.04 -2.18
C ILE D 53 8.94 46.52 -0.80
N GLN D 54 8.01 46.57 0.13
CA GLN D 54 8.37 46.96 1.51
C GLN D 54 8.27 45.86 2.59
N CYS D 55 9.37 45.56 3.29
CA CYS D 55 9.40 44.55 4.45
C CYS D 55 8.34 45.01 5.40
N LEU D 56 7.36 44.13 5.60
CA LEU D 56 6.33 44.37 6.60
C LEU D 56 6.89 44.47 8.02
N GLU D 57 8.16 44.12 8.24
CA GLU D 57 8.77 44.18 9.59
C GLU D 57 9.50 45.50 9.82
N CYS D 58 10.41 45.86 8.90
CA CYS D 58 11.23 47.06 9.03
C CYS D 58 10.74 48.23 8.21
N CYS D 59 9.71 48.05 7.41
CA CYS D 59 9.17 49.10 6.53
C CYS D 59 10.15 49.64 5.51
N GLY D 60 11.22 48.91 5.22
CA GLY D 60 12.13 49.34 4.16
C GLY D 60 11.64 48.92 2.79
N MET D 61 12.00 49.72 1.78
CA MET D 61 11.62 49.49 0.36
C MET D 61 12.78 48.84 -0.40
N PHE D 62 12.51 47.66 -0.97
CA PHE D 62 13.53 46.91 -1.67
C PHE D 62 13.18 46.62 -3.12
N ALA D 63 14.21 46.64 -3.96
CA ALA D 63 14.11 46.04 -5.30
C ALA D 63 13.84 44.56 -5.12
N PRO D 64 13.18 43.92 -6.09
CA PRO D 64 12.91 42.51 -5.93
C PRO D 64 14.15 41.68 -5.55
N GLN D 65 15.28 41.88 -6.25
CA GLN D 65 16.47 41.06 -6.06
C GLN D 65 17.00 41.26 -4.65
N THR D 66 16.97 42.49 -4.19
CA THR D 66 17.46 42.79 -2.84
C THR D 66 16.49 42.35 -1.76
N PHE D 67 15.21 42.24 -2.10
CA PHE D 67 14.18 41.74 -1.13
C PHE D 67 14.40 40.25 -0.81
N VAL D 68 14.75 39.51 -1.86
CA VAL D 68 15.08 38.11 -1.82
C VAL D 68 16.31 37.85 -0.96
N MET D 69 17.14 38.87 -0.75
CA MET D 69 18.24 38.73 0.19
C MET D 69 17.92 39.29 1.58
N HIS D 70 16.71 39.74 1.85
CA HIS D 70 16.44 40.51 3.08
C HIS D 70 15.60 39.64 3.98
N SER D 71 16.16 39.33 5.17
CA SER D 71 15.47 38.54 6.20
C SER D 71 15.86 39.04 7.55
N HIS D 72 14.92 39.09 8.48
CA HIS D 72 15.22 39.37 9.89
C HIS D 72 15.50 38.08 10.75
N ARG D 73 15.10 36.90 10.29
CA ARG D 73 15.40 35.62 10.98
C ARG D 73 16.75 35.11 10.48
N SER D 74 17.52 34.45 11.32
CA SER D 74 18.72 33.74 10.82
C SER D 74 18.52 32.22 10.64
N PRO D 75 19.11 31.63 9.56
CA PRO D 75 18.97 30.19 9.34
C PRO D 75 19.31 29.29 10.54
N ASP D 76 18.61 28.15 10.63
CA ASP D 76 18.80 27.18 11.74
C ASP D 76 20.21 26.61 11.89
N LYS D 77 21.04 26.62 10.82
CA LYS D 77 22.43 26.12 10.80
C LYS D 77 22.41 24.66 11.24
N ARG D 78 21.24 24.15 11.18
CA ARG D 78 21.10 22.79 11.03
C ARG D 78 20.56 22.48 9.65
N THR D 79 20.08 23.52 9.00
CA THR D 79 19.74 23.42 7.62
C THR D 79 20.91 23.88 6.76
N CYS D 80 21.17 23.23 5.66
CA CYS D 80 22.12 23.70 4.68
C CYS D 80 21.41 24.08 3.40
N HIS D 81 21.84 25.21 2.85
CA HIS D 81 21.14 25.81 1.73
C HIS D 81 22.02 25.60 0.46
N TRP D 82 21.48 24.91 -0.53
CA TRP D 82 22.17 24.58 -1.77
C TRP D 82 21.53 25.36 -2.89
N GLY D 83 22.35 25.99 -3.75
CA GLY D 83 21.88 26.49 -5.09
C GLY D 83 21.21 27.84 -5.08
N PHE D 84 21.28 28.52 -3.94
CA PHE D 84 20.65 29.86 -3.91
C PHE D 84 21.47 30.91 -4.67
N GLU D 85 20.77 31.80 -5.37
CA GLU D 85 21.33 32.95 -6.17
C GLU D 85 20.28 34.03 -6.30
N SER D 86 20.61 35.27 -5.88
CA SER D 86 19.65 36.38 -5.91
C SER D 86 19.24 36.74 -7.31
N ALA D 87 20.16 36.56 -8.26
CA ALA D 87 19.86 36.66 -9.70
C ALA D 87 18.62 35.90 -10.11
N LYS D 88 18.38 34.74 -9.48
CA LYS D 88 17.15 33.93 -9.71
C LYS D 88 15.92 34.29 -8.83
N TRP D 89 15.80 35.54 -8.43
CA TRP D 89 14.75 35.95 -7.47
C TRP D 89 13.40 35.60 -7.98
N HIS D 90 13.28 35.56 -9.28
CA HIS D 90 11.99 35.28 -9.93
C HIS D 90 11.45 33.87 -9.58
N CYS D 91 12.34 32.92 -9.35
CA CYS D 91 11.92 31.57 -8.93
C CYS D 91 11.50 31.47 -7.48
N TYR D 92 11.97 32.37 -6.64
CA TYR D 92 11.80 32.32 -5.20
C TYR D 92 10.68 33.19 -4.64
N LEU D 93 10.26 34.24 -5.36
CA LEU D 93 9.27 35.20 -4.82
C LEU D 93 7.84 34.76 -5.11
N HIS D 94 7.02 34.64 -4.09
CA HIS D 94 5.65 34.18 -4.25
C HIS D 94 4.68 35.15 -3.60
N VAL D 95 3.38 34.85 -3.75
CA VAL D 95 2.32 35.58 -3.04
C VAL D 95 2.21 35.08 -1.64
N ASN D 96 1.78 35.98 -0.77
CA ASN D 96 1.58 35.69 0.63
C ASN D 96 0.56 34.59 0.84
N GLN D 97 0.85 33.67 1.75
CA GLN D 97 -0.01 32.52 1.97
C GLN D 97 -1.38 32.91 2.48
N LYS D 98 -1.50 34.12 3.01
CA LYS D 98 -2.81 34.69 3.34
C LYS D 98 -3.75 34.49 2.17
N TYR D 99 -3.25 34.80 0.99
CA TYR D 99 -3.99 34.62 -0.23
C TYR D 99 -3.74 33.16 -0.65
N LEU D 100 -4.37 32.19 0.01
CA LEU D 100 -4.29 30.81 -0.42
C LEU D 100 -5.61 30.16 -0.15
N GLY D 101 -6.11 29.43 -1.13
CA GLY D 101 -7.45 28.89 -1.07
C GLY D 101 -8.45 30.03 -0.90
N THR D 102 -8.21 31.15 -1.58
CA THR D 102 -9.07 32.32 -1.51
C THR D 102 -9.48 32.78 -2.90
N PRO D 103 -10.52 33.64 -2.99
CA PRO D 103 -10.78 34.11 -4.36
C PRO D 103 -9.54 34.53 -5.13
N GLU D 104 -8.63 35.19 -4.43
CA GLU D 104 -7.69 36.06 -5.09
C GLU D 104 -6.40 35.36 -5.49
N GLU D 105 -6.28 34.08 -5.16
CA GLU D 105 -5.06 33.33 -5.42
C GLU D 105 -4.66 33.48 -6.89
N LYS D 106 -5.55 33.07 -7.79
CA LYS D 106 -5.20 32.90 -9.21
C LYS D 106 -4.93 34.24 -9.92
N LYS D 107 -5.62 35.30 -9.50
CA LYS D 107 -5.41 36.65 -10.08
C LYS D 107 -4.03 37.20 -9.78
N LEU D 108 -3.60 37.06 -8.53
CA LEU D 108 -2.38 37.71 -8.07
C LEU D 108 -1.16 37.06 -8.68
N LYS D 109 -1.27 35.77 -9.02
CA LYS D 109 -0.15 35.03 -9.61
C LYS D 109 0.19 35.51 -11.00
N ILE D 110 -0.84 35.87 -11.77
CA ILE D 110 -0.58 36.37 -13.13
C ILE D 110 0.02 37.77 -13.07
N ILE D 111 -0.52 38.61 -12.20
CA ILE D 111 0.08 39.93 -11.99
C ILE D 111 1.56 39.77 -11.60
N LEU D 112 1.80 38.91 -10.59
CA LEU D 112 3.16 38.60 -10.16
C LEU D 112 4.02 38.05 -11.32
N GLU D 113 3.46 37.15 -12.11
CA GLU D 113 4.14 36.59 -13.28
C GLU D 113 4.43 37.64 -14.32
N GLU D 114 3.47 38.55 -14.50
CA GLU D 114 3.65 39.69 -15.39
C GLU D 114 4.84 40.55 -14.91
N MET D 115 4.89 40.80 -13.61
CA MET D 115 6.02 41.54 -13.01
C MET D 115 7.35 40.81 -13.11
N LYS D 116 7.33 39.49 -13.13
CA LYS D 116 8.57 38.75 -13.37
C LYS D 116 9.09 38.94 -14.82
N GLU D 117 8.18 39.05 -15.79
CA GLU D 117 8.54 39.44 -17.16
C GLU D 117 8.76 41.00 -17.26
N LYS D 118 10.01 41.42 -17.51
CA LYS D 118 10.38 42.82 -17.56
C LYS D 118 11.89 43.00 -17.42
N PHE E 26 32.30 -15.86 29.25
CA PHE E 26 31.69 -15.99 27.89
C PHE E 26 30.38 -16.81 27.85
N GLU E 27 29.25 -16.12 27.91
CA GLU E 27 27.93 -16.75 27.93
C GLU E 27 27.38 -17.16 26.55
N VAL E 28 26.60 -18.25 26.54
CA VAL E 28 26.03 -18.81 25.32
C VAL E 28 24.58 -19.26 25.58
N GLU E 29 23.93 -19.79 24.53
CA GLU E 29 22.52 -20.16 24.65
C GLU E 29 22.06 -21.00 23.47
N HIS E 30 20.95 -21.70 23.70
CA HIS E 30 20.25 -22.41 22.65
C HIS E 30 18.75 -22.28 22.88
N GLU E 31 18.02 -22.56 21.82
CA GLU E 31 16.61 -22.55 21.87
C GLU E 31 15.97 -23.81 21.39
N CYS E 32 16.67 -24.91 21.41
CA CYS E 32 16.08 -26.17 20.91
C CYS E 32 15.23 -26.84 21.96
N LEU E 33 14.11 -27.41 21.54
CA LEU E 33 13.21 -28.16 22.41
C LEU E 33 13.12 -27.51 23.79
N GLY E 34 13.03 -26.19 23.81
CA GLY E 34 13.09 -25.42 25.04
C GLY E 34 14.17 -24.37 24.92
N LYS E 35 14.68 -23.91 26.05
CA LYS E 35 15.68 -22.87 26.04
C LYS E 35 16.68 -23.14 27.14
N CYS E 36 17.92 -22.71 26.96
CA CYS E 36 18.92 -22.82 28.03
C CYS E 36 20.11 -21.90 27.79
N GLN E 37 20.50 -21.25 28.88
CA GLN E 37 21.59 -20.31 28.92
C GLN E 37 22.77 -20.96 29.66
N GLY E 38 23.98 -20.68 29.23
CA GLY E 38 25.14 -21.30 29.85
C GLY E 38 26.37 -20.44 29.73
N LEU E 39 27.44 -20.82 30.44
CA LEU E 39 28.75 -20.16 30.33
C LEU E 39 29.76 -21.10 29.68
N PHE E 40 30.39 -20.63 28.62
CA PHE E 40 31.34 -21.43 27.83
C PHE E 40 32.76 -20.97 28.15
N ALA E 41 33.59 -21.92 28.55
CA ALA E 41 35.01 -21.74 28.80
C ALA E 41 35.82 -22.50 27.71
N PRO E 42 36.38 -21.78 26.74
CA PRO E 42 37.17 -22.49 25.69
C PRO E 42 38.37 -23.33 26.20
N GLN E 43 38.93 -22.91 27.33
CA GLN E 43 39.97 -23.68 28.07
C GLN E 43 39.70 -25.19 28.16
N PHE E 44 38.47 -25.54 28.55
CA PHE E 44 38.10 -26.92 28.86
C PHE E 44 37.73 -27.73 27.62
N TYR E 45 37.55 -27.09 26.48
CA TYR E 45 37.06 -27.79 25.31
C TYR E 45 38.22 -28.50 24.59
N VAL E 46 38.74 -29.55 25.23
CA VAL E 46 39.98 -30.23 24.78
C VAL E 46 39.76 -31.52 23.98
N GLN E 47 38.55 -32.07 24.03
CA GLN E 47 38.16 -33.26 23.25
C GLN E 47 36.69 -33.06 22.87
N PRO E 48 36.22 -33.65 21.74
CA PRO E 48 34.79 -33.61 21.36
C PRO E 48 33.77 -33.77 22.52
N ASP E 49 34.03 -34.69 23.44
CA ASP E 49 33.13 -34.96 24.56
C ASP E 49 33.49 -34.20 25.87
N ALA E 50 34.23 -33.10 25.76
CA ALA E 50 34.72 -32.40 26.95
C ALA E 50 33.72 -31.39 27.56
N PRO E 51 33.21 -31.62 28.80
CA PRO E 51 32.35 -30.66 29.47
C PRO E 51 32.94 -29.27 29.66
N CYS E 52 32.60 -28.35 28.75
CA CYS E 52 33.06 -26.95 28.78
C CYS E 52 31.97 -25.93 28.98
N ILE E 53 30.71 -26.36 28.99
CA ILE E 53 29.62 -25.41 29.16
C ILE E 53 28.85 -25.69 30.44
N GLN E 54 28.56 -24.64 31.21
CA GLN E 54 27.85 -24.79 32.45
C GLN E 54 26.47 -24.19 32.39
N CYS E 55 25.45 -25.01 32.59
CA CYS E 55 24.08 -24.48 32.68
C CYS E 55 23.97 -23.50 33.85
N LEU E 56 23.56 -22.27 33.53
CA LEU E 56 23.38 -21.24 34.55
C LEU E 56 22.28 -21.53 35.57
N GLU E 57 21.45 -22.55 35.34
CA GLU E 57 20.37 -22.87 36.27
C GLU E 57 20.74 -23.96 37.25
N CYS E 58 21.25 -25.08 36.74
CA CYS E 58 21.63 -26.22 37.56
C CYS E 58 23.13 -26.32 37.85
N CYS E 59 23.92 -25.45 37.24
CA CYS E 59 25.39 -25.44 37.38
C CYS E 59 26.10 -26.69 36.86
N GLY E 60 25.44 -27.50 36.05
CA GLY E 60 26.05 -28.73 35.55
C GLY E 60 26.88 -28.41 34.34
N MET E 61 27.92 -29.20 34.13
CA MET E 61 28.86 -29.02 33.04
C MET E 61 28.53 -29.97 31.90
N PHE E 62 28.32 -29.43 30.70
CA PHE E 62 27.95 -30.23 29.54
C PHE E 62 28.91 -30.08 28.37
N ALA E 63 29.10 -31.17 27.63
CA ALA E 63 29.67 -31.13 26.30
C ALA E 63 28.72 -30.33 25.42
N PRO E 64 29.22 -29.73 24.31
CA PRO E 64 28.36 -28.88 23.49
C PRO E 64 27.13 -29.65 23.02
N GLN E 65 27.32 -30.88 22.52
CA GLN E 65 26.22 -31.68 21.99
C GLN E 65 25.18 -31.98 23.06
N THR E 66 25.62 -32.28 24.26
CA THR E 66 24.70 -32.59 25.33
C THR E 66 24.02 -31.35 25.89
N PHE E 67 24.65 -30.19 25.73
CA PHE E 67 24.07 -28.91 26.20
C PHE E 67 22.83 -28.56 25.37
N VAL E 68 22.99 -28.82 24.08
CA VAL E 68 21.97 -28.62 23.07
C VAL E 68 20.74 -29.54 23.34
N MET E 69 20.93 -30.60 24.09
CA MET E 69 19.82 -31.43 24.57
C MET E 69 19.34 -31.09 25.99
N HIS E 70 19.80 -29.99 26.58
CA HIS E 70 19.55 -29.75 28.00
C HIS E 70 18.70 -28.52 28.12
N SER E 71 17.51 -28.72 28.68
CA SER E 71 16.55 -27.63 28.98
C SER E 71 15.77 -27.97 30.26
N HIS E 72 15.53 -26.99 31.11
CA HIS E 72 14.66 -27.16 32.29
C HIS E 72 13.19 -26.87 32.05
N ARG E 73 12.83 -26.55 30.81
CA ARG E 73 11.54 -25.93 30.52
C ARG E 73 10.45 -27.01 30.23
N SER E 74 9.22 -26.79 30.69
CA SER E 74 8.11 -27.78 30.58
C SER E 74 7.77 -27.90 29.10
N PRO E 75 7.36 -29.10 28.62
CA PRO E 75 7.09 -29.28 27.19
C PRO E 75 6.11 -28.28 26.55
N ASP E 76 6.30 -28.07 25.24
CA ASP E 76 5.35 -27.41 24.31
C ASP E 76 4.19 -28.34 23.99
N LYS E 77 2.99 -27.87 24.31
CA LYS E 77 1.76 -28.57 23.95
C LYS E 77 1.30 -28.43 22.49
N ARG E 78 1.51 -27.26 21.88
CA ARG E 78 1.00 -26.89 20.53
C ARG E 78 2.09 -26.77 19.41
N THR E 79 3.39 -27.00 19.71
CA THR E 79 4.47 -26.86 18.72
C THR E 79 5.08 -28.18 18.24
N CYS E 80 5.38 -28.31 16.97
CA CYS E 80 6.02 -29.52 16.43
C CYS E 80 7.39 -29.14 15.93
N HIS E 81 8.38 -29.94 16.30
CA HIS E 81 9.75 -29.60 16.13
C HIS E 81 10.27 -30.50 15.01
N TRP E 82 10.66 -29.92 13.89
CA TRP E 82 11.02 -30.69 12.67
C TRP E 82 12.53 -30.57 12.42
N GLY E 83 13.21 -31.69 12.13
CA GLY E 83 14.61 -31.66 11.66
C GLY E 83 15.70 -31.47 12.73
N PHE E 84 15.33 -31.51 14.01
CA PHE E 84 16.31 -31.34 15.07
C PHE E 84 17.23 -32.57 15.19
N GLU E 85 18.50 -32.32 15.43
CA GLU E 85 19.54 -33.35 15.61
C GLU E 85 20.67 -32.76 16.44
N SER E 86 21.00 -33.41 17.57
CA SER E 86 22.06 -32.92 18.45
C SER E 86 23.41 -32.90 17.74
N ALA E 87 23.65 -33.87 16.85
CA ALA E 87 24.83 -33.88 15.97
C ALA E 87 25.10 -32.55 15.32
N LYS E 88 24.03 -31.81 14.99
CA LYS E 88 24.14 -30.46 14.38
C LYS E 88 24.12 -29.32 15.39
N TRP E 89 24.62 -29.59 16.61
CA TRP E 89 24.66 -28.59 17.69
C TRP E 89 25.33 -27.28 17.26
N HIS E 90 26.29 -27.37 16.33
CA HIS E 90 27.00 -26.20 15.83
C HIS E 90 26.11 -25.16 15.15
N CYS E 91 25.03 -25.61 14.51
CA CYS E 91 24.04 -24.68 13.96
C CYS E 91 23.15 -23.99 14.99
N TYR E 92 22.93 -24.61 16.15
CA TYR E 92 21.91 -24.16 17.12
C TYR E 92 22.46 -23.32 18.24
N LEU E 93 23.77 -23.44 18.52
CA LEU E 93 24.36 -22.80 19.69
C LEU E 93 24.82 -21.37 19.35
N HIS E 94 24.37 -20.38 20.12
CA HIS E 94 24.69 -18.98 19.83
C HIS E 94 25.23 -18.32 21.08
N VAL E 95 25.65 -17.07 20.93
CA VAL E 95 25.97 -16.21 22.05
C VAL E 95 24.74 -15.65 22.70
N ASN E 96 24.86 -15.41 24.00
CA ASN E 96 23.77 -14.90 24.83
C ASN E 96 23.32 -13.55 24.35
N GLN E 97 22.02 -13.31 24.40
CA GLN E 97 21.44 -12.02 23.93
C GLN E 97 21.86 -10.79 24.70
N LYS E 98 22.34 -10.95 25.93
CA LYS E 98 23.02 -9.88 26.67
C LYS E 98 24.07 -9.21 25.78
N TYR E 99 24.87 -10.03 25.11
CA TYR E 99 25.92 -9.49 24.27
C TYR E 99 25.37 -8.82 23.02
N LEU E 100 24.17 -9.19 22.61
CA LEU E 100 23.52 -8.50 21.49
C LEU E 100 23.34 -7.01 21.75
N GLY E 101 23.77 -6.22 20.76
CA GLY E 101 23.85 -4.77 20.85
C GLY E 101 24.96 -4.21 21.70
N THR E 102 25.89 -5.05 22.15
CA THR E 102 26.93 -4.57 23.10
C THR E 102 28.14 -4.40 22.20
N PRO E 103 29.29 -4.00 22.81
CA PRO E 103 30.53 -3.84 22.06
C PRO E 103 31.11 -5.15 21.64
N GLU E 104 30.69 -6.24 22.29
CA GLU E 104 31.37 -7.55 22.22
C GLU E 104 30.72 -8.58 21.28
N GLU E 105 29.62 -8.20 20.63
CA GLU E 105 28.91 -9.10 19.75
C GLU E 105 29.87 -9.77 18.77
N LYS E 106 30.54 -8.96 17.97
CA LYS E 106 31.29 -9.46 16.80
C LYS E 106 32.51 -10.32 17.18
N LYS E 107 33.15 -9.98 18.30
CA LYS E 107 34.30 -10.74 18.81
C LYS E 107 33.95 -12.16 19.24
N LEU E 108 32.86 -12.28 20.00
CA LEU E 108 32.48 -13.56 20.59
C LEU E 108 32.03 -14.57 19.54
N LYS E 109 31.47 -14.08 18.42
CA LYS E 109 31.02 -14.95 17.34
C LYS E 109 32.17 -15.67 16.63
N ILE E 110 33.30 -14.99 16.45
CA ILE E 110 34.46 -15.63 15.79
C ILE E 110 35.05 -16.68 16.72
N ILE E 111 35.16 -16.36 18.00
CA ILE E 111 35.62 -17.34 18.98
C ILE E 111 34.70 -18.57 18.97
N LEU E 112 33.40 -18.31 19.05
CA LEU E 112 32.37 -19.35 18.96
C LEU E 112 32.48 -20.15 17.65
N GLU E 113 32.68 -19.47 16.54
CA GLU E 113 32.87 -20.16 15.25
C GLU E 113 34.14 -20.95 15.20
N GLU E 114 35.20 -20.42 15.83
CA GLU E 114 36.46 -21.14 15.97
C GLU E 114 36.25 -22.44 16.75
N MET E 115 35.50 -22.37 17.84
CA MET E 115 35.13 -23.57 18.62
C MET E 115 34.31 -24.62 17.85
N LYS E 116 33.59 -24.23 16.79
CA LYS E 116 32.70 -25.15 16.09
C LYS E 116 33.44 -26.17 15.19
N PHE F 26 -50.73 -11.43 6.70
CA PHE F 26 -49.41 -11.85 6.13
C PHE F 26 -48.65 -10.72 5.38
N GLU F 27 -47.74 -10.06 6.08
CA GLU F 27 -46.96 -8.95 5.54
C GLU F 27 -45.75 -9.37 4.70
N VAL F 28 -45.42 -8.53 3.72
CA VAL F 28 -44.29 -8.75 2.80
C VAL F 28 -43.52 -7.43 2.55
N GLU F 29 -42.48 -7.52 1.73
CA GLU F 29 -41.62 -6.39 1.44
C GLU F 29 -40.77 -6.57 0.23
N HIS F 30 -40.29 -5.43 -0.29
CA HIS F 30 -39.24 -5.40 -1.30
C HIS F 30 -38.33 -4.18 -1.09
N GLU F 31 -37.08 -4.34 -1.55
CA GLU F 31 -36.03 -3.31 -1.50
C GLU F 31 -35.59 -2.75 -2.86
N CYS F 32 -36.35 -3.01 -3.93
CA CYS F 32 -36.05 -2.37 -5.20
C CYS F 32 -36.67 -0.99 -5.27
N LEU F 33 -36.04 -0.13 -6.03
CA LEU F 33 -36.50 1.20 -6.28
C LEU F 33 -37.02 1.86 -5.04
N GLY F 34 -36.30 1.71 -3.96
CA GLY F 34 -36.72 2.25 -2.68
C GLY F 34 -37.13 1.03 -1.91
N LYS F 35 -37.99 1.22 -0.94
CA LYS F 35 -38.41 0.12 -0.10
C LYS F 35 -39.92 0.21 -0.02
N CYS F 36 -40.58 -0.93 0.14
CA CYS F 36 -42.03 -0.89 0.28
C CYS F 36 -42.52 -2.13 0.97
N GLN F 37 -43.38 -1.89 1.94
CA GLN F 37 -43.96 -2.89 2.79
C GLN F 37 -45.40 -3.03 2.37
N GLY F 38 -45.92 -4.25 2.43
CA GLY F 38 -47.30 -4.50 2.03
C GLY F 38 -47.86 -5.70 2.76
N LEU F 39 -49.17 -5.91 2.60
CA LEU F 39 -49.89 -7.08 3.16
C LEU F 39 -50.39 -7.96 2.02
N PHE F 40 -50.02 -9.23 2.09
CA PHE F 40 -50.32 -10.21 1.02
C PHE F 40 -51.42 -11.14 1.52
N ALA F 41 -52.49 -11.21 0.73
CA ALA F 41 -53.62 -12.11 0.92
C ALA F 41 -53.58 -13.16 -0.20
N PRO F 42 -53.16 -14.38 0.11
CA PRO F 42 -53.12 -15.42 -0.95
C PRO F 42 -54.49 -15.73 -1.60
N GLN F 43 -55.58 -15.54 -0.85
CA GLN F 43 -56.97 -15.65 -1.35
C GLN F 43 -57.18 -14.98 -2.72
N PHE F 44 -56.69 -13.74 -2.86
CA PHE F 44 -56.97 -12.93 -4.06
C PHE F 44 -56.04 -13.25 -5.21
N TYR F 45 -54.98 -14.02 -4.99
CA TYR F 45 -54.00 -14.23 -6.05
C TYR F 45 -54.49 -15.33 -7.00
N VAL F 46 -55.50 -14.99 -7.80
CA VAL F 46 -56.22 -15.95 -8.65
C VAL F 46 -55.81 -15.96 -10.14
N GLN F 47 -55.08 -14.94 -10.56
CA GLN F 47 -54.54 -14.82 -11.92
C GLN F 47 -53.18 -14.11 -11.80
N PRO F 48 -52.24 -14.36 -12.73
CA PRO F 48 -50.95 -13.60 -12.79
C PRO F 48 -51.03 -12.07 -12.49
N ASP F 49 -52.05 -11.41 -13.05
CA ASP F 49 -52.23 -9.97 -12.86
C ASP F 49 -53.19 -9.57 -11.71
N ALA F 50 -53.40 -10.45 -10.72
CA ALA F 50 -54.44 -10.23 -9.69
C ALA F 50 -53.95 -9.41 -8.50
N PRO F 51 -54.51 -8.19 -8.27
CA PRO F 51 -54.14 -7.39 -7.12
C PRO F 51 -54.37 -8.05 -5.77
N CYS F 52 -53.32 -8.64 -5.20
CA CYS F 52 -53.38 -9.31 -3.91
C CYS F 52 -52.54 -8.66 -2.84
N ILE F 53 -51.74 -7.67 -3.19
CA ILE F 53 -50.81 -7.06 -2.20
C ILE F 53 -51.16 -5.57 -2.00
N GLN F 54 -51.28 -5.14 -0.74
CA GLN F 54 -51.66 -3.80 -0.43
C GLN F 54 -50.55 -3.01 0.17
N CYS F 55 -50.12 -1.92 -0.50
CA CYS F 55 -49.12 -1.01 0.07
C CYS F 55 -49.62 -0.44 1.39
N LEU F 56 -48.86 -0.67 2.45
CA LEU F 56 -49.20 -0.20 3.78
C LEU F 56 -49.18 1.33 3.90
N GLU F 57 -48.65 2.04 2.91
CA GLU F 57 -48.59 3.50 2.97
C GLU F 57 -49.74 4.17 2.23
N CYS F 58 -49.97 3.78 0.97
CA CYS F 58 -51.04 4.34 0.17
C CYS F 58 -52.33 3.48 0.14
N CYS F 59 -52.29 2.28 0.71
CA CYS F 59 -53.41 1.34 0.70
C CYS F 59 -53.85 0.86 -0.67
N GLY F 60 -53.02 1.02 -1.69
CA GLY F 60 -53.38 0.56 -3.03
C GLY F 60 -53.09 -0.91 -3.15
N MET F 61 -53.85 -1.57 -3.99
CA MET F 61 -53.72 -3.01 -4.22
C MET F 61 -52.95 -3.28 -5.48
N PHE F 62 -51.87 -4.04 -5.36
CA PHE F 62 -51.01 -4.34 -6.52
C PHE F 62 -50.86 -5.83 -6.81
N ALA F 63 -50.78 -6.16 -8.09
CA ALA F 63 -50.23 -7.44 -8.51
C ALA F 63 -48.80 -7.54 -8.00
N PRO F 64 -48.29 -8.75 -7.77
CA PRO F 64 -46.91 -8.89 -7.33
C PRO F 64 -45.87 -8.11 -8.19
N GLN F 65 -45.91 -8.26 -9.52
CA GLN F 65 -44.96 -7.61 -10.39
C GLN F 65 -45.04 -6.08 -10.24
N THR F 66 -46.24 -5.55 -10.14
CA THR F 66 -46.40 -4.10 -10.06
C THR F 66 -46.05 -3.59 -8.66
N PHE F 67 -46.11 -4.46 -7.65
CA PHE F 67 -45.76 -4.09 -6.27
C PHE F 67 -44.27 -3.86 -6.18
N VAL F 68 -43.56 -4.73 -6.88
CA VAL F 68 -42.12 -4.69 -6.97
C VAL F 68 -41.61 -3.38 -7.64
N MET F 69 -42.47 -2.74 -8.42
CA MET F 69 -42.14 -1.44 -8.95
C MET F 69 -42.65 -0.27 -8.10
N HIS F 70 -43.22 -0.53 -6.91
CA HIS F 70 -43.99 0.51 -6.21
C HIS F 70 -43.29 0.88 -4.96
N SER F 71 -42.96 2.16 -4.87
CA SER F 71 -42.38 2.76 -3.71
C SER F 71 -42.93 4.21 -3.60
N HIS F 72 -42.99 4.70 -2.39
CA HIS F 72 -43.48 6.01 -2.13
C HIS F 72 -42.11 6.64 -1.86
N ARG F 73 -41.55 7.35 -2.82
CA ARG F 73 -40.24 7.97 -2.71
C ARG F 73 -40.32 9.46 -2.56
N SER F 74 -39.89 9.91 -1.41
CA SER F 74 -39.93 11.28 -1.00
C SER F 74 -38.72 12.10 -1.32
N PRO F 75 -38.56 13.23 -0.54
CA PRO F 75 -37.35 14.02 -0.79
C PRO F 75 -36.16 13.12 -0.70
N ASP F 76 -35.17 13.38 -1.53
CA ASP F 76 -34.07 12.50 -1.67
C ASP F 76 -33.50 12.09 -0.33
N LYS F 77 -33.33 10.77 -0.14
CA LYS F 77 -33.62 9.75 -1.15
C LYS F 77 -32.90 10.02 -2.45
N ARG F 78 -31.58 10.09 -2.33
CA ARG F 78 -30.64 10.36 -3.38
C ARG F 78 -30.12 9.15 -4.14
N THR F 79 -30.64 7.96 -3.89
CA THR F 79 -30.18 6.82 -4.65
C THR F 79 -30.90 6.82 -6.03
N CYS F 80 -30.23 6.46 -7.11
CA CYS F 80 -30.84 6.35 -8.43
C CYS F 80 -30.76 4.92 -8.91
N HIS F 81 -31.86 4.42 -9.49
CA HIS F 81 -32.01 3.01 -9.73
C HIS F 81 -31.88 2.74 -11.23
N TRP F 82 -30.96 1.86 -11.66
CA TRP F 82 -30.66 1.60 -13.11
C TRP F 82 -30.79 0.15 -13.47
N GLY F 83 -31.48 -0.19 -14.55
CA GLY F 83 -31.51 -1.58 -15.04
C GLY F 83 -32.40 -2.56 -14.23
N PHE F 84 -33.33 -2.06 -13.45
CA PHE F 84 -34.25 -2.95 -12.74
C PHE F 84 -35.24 -3.64 -13.71
N GLU F 85 -35.55 -4.92 -13.44
CA GLU F 85 -36.50 -5.69 -14.27
C GLU F 85 -37.52 -6.26 -13.33
N SER F 86 -38.78 -5.89 -13.53
CA SER F 86 -39.91 -6.38 -12.71
C SER F 86 -40.32 -7.83 -12.98
N ALA F 87 -40.05 -8.30 -14.20
CA ALA F 87 -40.21 -9.70 -14.60
C ALA F 87 -39.64 -10.70 -13.59
N LYS F 88 -38.52 -10.33 -12.94
CA LYS F 88 -37.90 -11.13 -11.88
C LYS F 88 -38.44 -10.86 -10.44
N TRP F 89 -39.69 -10.43 -10.31
CA TRP F 89 -40.24 -10.05 -9.00
C TRP F 89 -40.11 -11.14 -7.94
N HIS F 90 -40.13 -12.38 -8.41
CA HIS F 90 -40.03 -13.54 -7.53
C HIS F 90 -38.71 -13.59 -6.75
N CYS F 91 -37.63 -13.07 -7.34
CA CYS F 91 -36.34 -12.97 -6.62
C CYS F 91 -36.30 -11.87 -5.57
N TYR F 92 -37.11 -10.81 -5.73
CA TYR F 92 -37.02 -9.60 -4.90
C TYR F 92 -38.00 -9.51 -3.79
N LEU F 93 -39.12 -10.25 -3.85
CA LEU F 93 -40.19 -10.14 -2.85
C LEU F 93 -39.96 -11.07 -1.66
N HIS F 94 -39.96 -10.53 -0.45
CA HIS F 94 -39.69 -11.30 0.76
C HIS F 94 -40.75 -11.04 1.80
N VAL F 95 -40.66 -11.77 2.91
CA VAL F 95 -41.47 -11.51 4.10
C VAL F 95 -40.92 -10.34 4.89
N ASN F 96 -41.83 -9.66 5.56
CA ASN F 96 -41.51 -8.50 6.37
C ASN F 96 -40.52 -8.82 7.46
N GLN F 97 -39.63 -7.86 7.73
CA GLN F 97 -38.67 -7.95 8.84
C GLN F 97 -39.33 -8.10 10.21
N LYS F 98 -40.61 -7.77 10.31
CA LYS F 98 -41.39 -8.13 11.49
C LYS F 98 -41.22 -9.59 11.91
N TYR F 99 -41.32 -10.45 10.92
CA TYR F 99 -41.22 -11.89 11.13
C TYR F 99 -39.77 -12.44 11.24
N LEU F 100 -38.78 -11.63 10.91
CA LEU F 100 -37.36 -12.05 11.06
C LEU F 100 -36.93 -12.32 12.50
N GLY F 101 -36.29 -13.46 12.69
CA GLY F 101 -35.89 -13.94 14.01
C GLY F 101 -37.10 -14.19 14.92
N THR F 102 -38.22 -14.60 14.33
CA THR F 102 -39.47 -14.82 15.07
C THR F 102 -39.99 -16.26 14.80
N PRO F 103 -40.90 -16.81 15.66
CA PRO F 103 -41.38 -18.19 15.32
C PRO F 103 -41.88 -18.42 13.86
N GLU F 104 -42.52 -17.39 13.30
CA GLU F 104 -43.30 -17.56 12.09
C GLU F 104 -42.45 -17.41 10.84
N GLU F 105 -41.15 -17.14 10.99
CA GLU F 105 -40.24 -16.96 9.86
C GLU F 105 -40.38 -18.12 8.85
N LYS F 106 -40.13 -19.33 9.31
CA LYS F 106 -40.00 -20.49 8.41
C LYS F 106 -41.32 -20.91 7.72
N LYS F 107 -42.45 -20.72 8.41
CA LYS F 107 -43.77 -21.04 7.84
C LYS F 107 -44.16 -20.13 6.67
N LEU F 108 -43.94 -18.83 6.85
CA LEU F 108 -44.40 -17.83 5.89
C LEU F 108 -43.60 -17.93 4.58
N LYS F 109 -42.34 -18.38 4.66
CA LYS F 109 -41.49 -18.50 3.47
C LYS F 109 -41.98 -19.58 2.52
N ILE F 110 -42.49 -20.67 3.06
CA ILE F 110 -43.02 -21.75 2.21
C ILE F 110 -44.33 -21.31 1.52
N ILE F 111 -45.21 -20.65 2.28
CA ILE F 111 -46.45 -20.08 1.69
C ILE F 111 -46.07 -19.10 0.57
N LEU F 112 -45.14 -18.20 0.89
CA LEU F 112 -44.60 -17.26 -0.10
C LEU F 112 -44.00 -17.97 -1.30
N GLU F 113 -43.23 -19.01 -1.05
CA GLU F 113 -42.64 -19.81 -2.13
C GLU F 113 -43.69 -20.49 -2.97
N GLU F 114 -44.73 -20.96 -2.30
CA GLU F 114 -45.87 -21.57 -2.95
C GLU F 114 -46.53 -20.56 -3.88
N MET F 115 -46.70 -19.34 -3.40
CA MET F 115 -47.22 -18.22 -4.22
C MET F 115 -46.32 -17.87 -5.40
N LYS F 116 -45.02 -18.05 -5.25
CA LYS F 116 -44.09 -17.77 -6.35
C LYS F 116 -44.19 -18.81 -7.47
N GLU F 117 -44.48 -20.08 -7.12
CA GLU F 117 -44.75 -21.11 -8.15
C GLU F 117 -46.13 -20.88 -8.80
N LYS F 118 -46.14 -20.60 -10.13
CA LYS F 118 -47.29 -19.98 -10.85
C LYS F 118 -48.68 -20.56 -10.59
#